data_7MJC
#
_entry.id   7MJC
#
_cell.length_a   101.350
_cell.length_b   101.350
_cell.length_c   186.692
_cell.angle_alpha   90.000
_cell.angle_beta   90.000
_cell.angle_gamma   120.000
#
_symmetry.space_group_name_H-M   'P 32 2 1'
#
loop_
_entity.id
_entity.type
_entity.pdbx_description
1 polymer 'Aldehyde dehydrogenase X, mitochondrial'
2 non-polymer NICOTINAMIDE-ADENINE-DINUCLEOTIDE
3 non-polymer 'SODIUM ION'
4 water water
#
_entity_poly.entity_id   1
_entity_poly.type   'polypeptide(L)'
_entity_poly.pdbx_seq_one_letter_code
;SSAAALPSPILNPDIPYNQLFINNEWQDAVSKKTFPTVNPTTGEVIGHVAEGDRADVDRAVKAAREAFRLGSPWRRMDAS
ERGRLLNRLADLVERDRVYLASLETLDNGKPFQESYALDLDEVIKVYRYFAGWADKWHGKTIPMDGQHFCFTRHEPVGVC
GQIIPWNFPLVMQGWKLAPALATGNTVVMKVAEQTPLSALYLASLIKEAGFPPGVVNIITGYGPTAGAAIAQHMDVDKVA
FTGSTEVGHLIQKAAGDSNLKRVTLELGGKSPSIVLADADMEHAVEQCHEALFFNMGQCCCAGSRTFVEESIYNEFLERT
VEKAKQRKVGNPFELDTQQGPQVDKEQFERVLGYIQLGQKEGAKLLCGGERFGERGFFIKPTVFGGVQDDMRIAKEEIFG
PVQPLFKFKKIEEVVERANNTRYGLAAAVFTRDLDKAMYFTQALQAGTVWVNTYNIVTCHTPFGGFKESGNGRELGEDGL
KAYTEVKTVTIKVPQKNS
;
_entity_poly.pdbx_strand_id   A,B
#
# COMPACT_ATOMS: atom_id res chain seq x y z
N LEU A 6 18.24 -30.65 -23.71
CA LEU A 6 16.93 -29.96 -23.97
C LEU A 6 15.98 -30.96 -24.65
N PRO A 7 14.80 -31.22 -24.06
CA PRO A 7 13.93 -32.26 -24.59
C PRO A 7 13.15 -31.83 -25.83
N SER A 8 12.48 -32.80 -26.45
CA SER A 8 11.55 -32.52 -27.54
C SER A 8 10.32 -31.81 -26.98
N PRO A 9 9.72 -30.88 -27.75
CA PRO A 9 8.40 -30.35 -27.38
C PRO A 9 7.27 -31.25 -27.85
N ILE A 10 6.10 -31.12 -27.25
CA ILE A 10 4.88 -31.78 -27.73
C ILE A 10 4.21 -30.77 -28.65
N LEU A 11 4.24 -31.07 -29.94
CA LEU A 11 3.76 -30.16 -30.98
C LEU A 11 2.22 -30.06 -31.06
N ASN A 12 1.53 -31.14 -30.69
CA ASN A 12 0.08 -31.23 -30.80
C ASN A 12 -0.46 -31.79 -29.49
N PRO A 13 -0.30 -31.02 -28.39
CA PRO A 13 -0.79 -31.47 -27.10
C PRO A 13 -2.32 -31.47 -27.02
N ASP A 14 -2.87 -32.40 -26.25
CA ASP A 14 -4.30 -32.41 -25.95
C ASP A 14 -4.52 -31.28 -24.95
N ILE A 15 -5.64 -30.56 -25.09
CA ILE A 15 -5.94 -29.41 -24.23
C ILE A 15 -7.29 -29.66 -23.56
N PRO A 16 -7.29 -30.50 -22.50
CA PRO A 16 -8.54 -30.84 -21.85
C PRO A 16 -9.21 -29.69 -21.10
N TYR A 17 -8.43 -28.72 -20.64
CA TYR A 17 -8.97 -27.71 -19.75
C TYR A 17 -9.20 -26.41 -20.49
N ASN A 18 -10.47 -26.02 -20.57
CA ASN A 18 -10.92 -24.81 -21.26
C ASN A 18 -12.21 -24.22 -20.63
N GLN A 19 -12.33 -24.32 -19.32
CA GLN A 19 -13.48 -23.83 -18.59
C GLN A 19 -13.02 -22.99 -17.40
N LEU A 20 -13.98 -22.38 -16.72
CA LEU A 20 -13.72 -21.71 -15.45
C LEU A 20 -13.32 -22.74 -14.41
N PHE A 21 -12.42 -22.35 -13.50
CA PHE A 21 -12.04 -23.14 -12.31
C PHE A 21 -12.55 -22.41 -11.06
N ILE A 22 -13.57 -22.99 -10.44
CA ILE A 22 -14.27 -22.35 -9.33
C ILE A 22 -14.63 -23.45 -8.35
N ASN A 23 -14.15 -23.32 -7.11
CA ASN A 23 -14.40 -24.29 -6.06
C ASN A 23 -13.97 -25.71 -6.49
N ASN A 24 -12.77 -25.80 -7.06
CA ASN A 24 -12.22 -27.06 -7.60
C ASN A 24 -13.09 -27.78 -8.64
N GLU A 25 -13.97 -27.04 -9.31
CA GLU A 25 -14.87 -27.58 -10.33
C GLU A 25 -14.68 -26.82 -11.62
N TRP A 26 -14.64 -27.56 -12.73
CA TRP A 26 -14.62 -26.97 -14.05
C TRP A 26 -16.04 -26.60 -14.42
N GLN A 27 -16.29 -25.33 -14.71
CA GLN A 27 -17.65 -24.91 -15.12
C GLN A 27 -17.66 -23.90 -16.26
N ASP A 28 -18.73 -23.94 -17.05
CA ASP A 28 -18.95 -22.99 -18.14
C ASP A 28 -19.40 -21.70 -17.52
N ALA A 29 -19.22 -20.58 -18.21
CA ALA A 29 -19.74 -19.29 -17.74
C ALA A 29 -21.27 -19.39 -17.60
N VAL A 30 -21.88 -18.48 -16.83
CA VAL A 30 -23.35 -18.48 -16.66
C VAL A 30 -24.04 -18.20 -17.99
N SER A 31 -23.48 -17.30 -18.79
CA SER A 31 -24.00 -16.99 -20.13
C SER A 31 -23.80 -18.12 -21.14
N LYS A 32 -22.97 -19.12 -20.81
CA LYS A 32 -22.51 -20.17 -21.74
C LYS A 32 -21.58 -19.67 -22.85
N LYS A 33 -21.25 -18.37 -22.84
CA LYS A 33 -20.42 -17.77 -23.88
C LYS A 33 -18.98 -18.30 -23.79
N THR A 34 -18.33 -18.37 -24.94
CA THR A 34 -16.92 -18.73 -25.04
C THR A 34 -16.19 -17.68 -25.87
N PHE A 35 -14.87 -17.81 -25.99
CA PHE A 35 -14.11 -16.97 -26.92
C PHE A 35 -12.85 -17.71 -27.34
N PRO A 36 -12.30 -17.37 -28.52
CA PRO A 36 -11.21 -18.15 -29.09
C PRO A 36 -9.82 -17.66 -28.67
N THR A 37 -8.87 -18.58 -28.60
CA THR A 37 -7.46 -18.21 -28.40
C THR A 37 -6.65 -18.63 -29.60
N VAL A 38 -5.75 -17.75 -30.02
CA VAL A 38 -5.02 -17.85 -31.26
C VAL A 38 -3.58 -18.33 -31.05
N ASN A 39 -3.17 -19.33 -31.83
CA ASN A 39 -1.75 -19.64 -32.01
C ASN A 39 -1.08 -18.51 -32.82
N PRO A 40 -0.24 -17.68 -32.19
CA PRO A 40 0.33 -16.58 -32.95
C PRO A 40 1.41 -16.97 -33.99
N THR A 41 1.87 -18.22 -33.99
CA THR A 41 2.85 -18.66 -34.98
C THR A 41 2.22 -18.92 -36.36
N THR A 42 1.00 -19.46 -36.36
CA THR A 42 0.25 -19.70 -37.58
C THR A 42 -0.80 -18.61 -37.83
N GLY A 43 -1.53 -18.24 -36.78
CA GLY A 43 -2.66 -17.32 -36.88
C GLY A 43 -3.99 -18.01 -36.66
N GLU A 44 -3.97 -19.33 -36.50
CA GLU A 44 -5.19 -20.13 -36.37
C GLU A 44 -5.71 -20.17 -34.94
N VAL A 45 -7.01 -20.45 -34.81
CA VAL A 45 -7.65 -20.63 -33.52
C VAL A 45 -7.28 -22.01 -32.99
N ILE A 46 -6.65 -22.05 -31.82
CA ILE A 46 -6.33 -23.31 -31.14
C ILE A 46 -7.60 -23.95 -30.60
N GLY A 47 -8.50 -23.14 -30.07
CA GLY A 47 -9.72 -23.62 -29.46
C GLY A 47 -10.37 -22.50 -28.67
N HIS A 48 -11.48 -22.83 -28.02
CA HIS A 48 -12.28 -21.83 -27.28
C HIS A 48 -12.19 -22.08 -25.79
N VAL A 49 -12.22 -21.00 -25.02
CA VAL A 49 -12.30 -21.06 -23.55
C VAL A 49 -13.56 -20.32 -23.10
N ALA A 50 -13.96 -20.56 -21.85
CA ALA A 50 -15.18 -19.96 -21.32
C ALA A 50 -14.99 -18.46 -21.06
N GLU A 51 -15.96 -17.66 -21.50
CA GLU A 51 -15.93 -16.21 -21.35
C GLU A 51 -16.61 -15.85 -20.03
N GLY A 52 -15.82 -15.73 -18.98
CA GLY A 52 -16.32 -15.27 -17.70
C GLY A 52 -16.64 -13.80 -17.74
N ASP A 53 -17.63 -13.41 -16.93
CA ASP A 53 -18.05 -12.01 -16.75
C ASP A 53 -18.40 -11.80 -15.25
N ARG A 54 -19.21 -10.77 -14.94
CA ARG A 54 -19.49 -10.30 -13.57
C ARG A 54 -20.14 -11.38 -12.71
N ALA A 55 -21.18 -12.00 -13.26
CA ALA A 55 -21.88 -13.08 -12.57
C ALA A 55 -20.97 -14.27 -12.22
N ASP A 56 -19.95 -14.50 -13.04
CA ASP A 56 -19.00 -15.59 -12.83
C ASP A 56 -17.94 -15.26 -11.79
N VAL A 57 -17.56 -13.99 -11.71
CA VAL A 57 -16.65 -13.48 -10.67
C VAL A 57 -17.32 -13.50 -9.29
N ASP A 58 -18.58 -13.07 -9.19
CA ASP A 58 -19.37 -13.23 -7.96
C ASP A 58 -19.39 -14.66 -7.42
N ARG A 59 -19.46 -15.63 -8.33
CA ARG A 59 -19.50 -17.04 -7.97
C ARG A 59 -18.12 -17.50 -7.46
N ALA A 60 -17.06 -17.05 -8.13
CA ALA A 60 -15.67 -17.29 -7.72
C ALA A 60 -15.35 -16.67 -6.37
N VAL A 61 -15.73 -15.40 -6.18
CA VAL A 61 -15.54 -14.68 -4.91
C VAL A 61 -16.35 -15.26 -3.76
N LYS A 62 -17.55 -15.77 -4.03
CA LYS A 62 -18.29 -16.51 -3.00
C LYS A 62 -17.50 -17.73 -2.51
N ALA A 63 -16.95 -18.51 -3.44
CA ALA A 63 -16.14 -19.69 -3.09
C ALA A 63 -14.87 -19.34 -2.30
N ALA A 64 -14.12 -18.37 -2.81
CA ALA A 64 -12.93 -17.84 -2.10
C ALA A 64 -13.22 -17.30 -0.72
N ARG A 65 -14.40 -16.69 -0.54
CA ARG A 65 -14.82 -16.18 0.77
C ARG A 65 -15.07 -17.33 1.76
N GLU A 66 -15.85 -18.33 1.34
CA GLU A 66 -16.14 -19.52 2.14
C GLU A 66 -14.88 -20.27 2.54
N ALA A 67 -13.94 -20.41 1.60
CA ALA A 67 -12.65 -21.03 1.89
C ALA A 67 -11.87 -20.26 2.98
N PHE A 68 -12.05 -18.93 3.04
CA PHE A 68 -11.38 -18.08 4.03
C PHE A 68 -12.06 -17.95 5.40
N ARG A 69 -13.30 -18.44 5.54
CA ARG A 69 -14.00 -18.37 6.82
C ARG A 69 -13.18 -18.86 8.02
N LEU A 70 -13.37 -18.24 9.18
CA LEU A 70 -12.88 -18.82 10.44
C LEU A 70 -13.27 -20.29 10.54
N GLY A 71 -12.31 -21.15 10.88
CA GLY A 71 -12.56 -22.57 11.05
C GLY A 71 -12.58 -23.42 9.79
N SER A 72 -12.39 -22.82 8.63
CA SER A 72 -12.33 -23.58 7.39
C SER A 72 -11.06 -24.41 7.39
N PRO A 73 -10.99 -25.45 6.52
CA PRO A 73 -9.73 -26.18 6.41
C PRO A 73 -8.53 -25.29 6.11
N TRP A 74 -8.68 -24.30 5.23
CA TRP A 74 -7.54 -23.45 4.86
C TRP A 74 -7.01 -22.63 6.01
N ARG A 75 -7.92 -22.14 6.86
CA ARG A 75 -7.53 -21.22 7.93
C ARG A 75 -6.86 -21.91 9.12
N ARG A 76 -7.33 -23.11 9.48
CA ARG A 76 -6.85 -23.80 10.67
C ARG A 76 -5.76 -24.85 10.38
N MET A 77 -5.52 -25.11 9.10
CA MET A 77 -4.35 -25.84 8.65
C MET A 77 -3.05 -25.24 9.23
N ASP A 78 -2.03 -26.07 9.41
CA ASP A 78 -0.69 -25.56 9.79
C ASP A 78 -0.11 -24.74 8.66
N ALA A 79 0.66 -23.71 9.00
CA ALA A 79 1.40 -22.94 8.00
C ALA A 79 2.37 -23.83 7.20
N SER A 80 3.02 -24.78 7.87
CA SER A 80 3.90 -25.73 7.19
C SER A 80 3.19 -26.67 6.19
N GLU A 81 1.89 -26.92 6.36
CA GLU A 81 1.10 -27.73 5.39
C GLU A 81 0.80 -26.93 4.13
N ARG A 82 0.49 -25.64 4.32
CA ARG A 82 0.41 -24.68 3.20
C ARG A 82 1.71 -24.70 2.40
N GLY A 83 2.85 -24.72 3.08
CA GLY A 83 4.14 -24.91 2.44
C GLY A 83 4.27 -26.22 1.66
N ARG A 84 3.88 -27.34 2.26
CA ARG A 84 4.01 -28.64 1.61
C ARG A 84 3.11 -28.75 0.38
N LEU A 85 1.95 -28.10 0.42
CA LEU A 85 1.06 -28.01 -0.75
C LEU A 85 1.76 -27.29 -1.91
N LEU A 86 2.34 -26.12 -1.59
CA LEU A 86 3.13 -25.36 -2.56
C LEU A 86 4.34 -26.11 -3.09
N ASN A 87 4.91 -26.98 -2.27
CA ASN A 87 6.04 -27.81 -2.68
C ASN A 87 5.58 -28.96 -3.55
N ARG A 88 4.48 -29.58 -3.14
CA ARG A 88 3.88 -30.66 -3.90
C ARG A 88 3.52 -30.18 -5.31
N LEU A 89 2.94 -28.98 -5.39
CA LEU A 89 2.66 -28.36 -6.68
C LEU A 89 3.92 -28.09 -7.51
N ALA A 90 5.03 -27.76 -6.87
CA ALA A 90 6.29 -27.59 -7.60
C ALA A 90 6.68 -28.93 -8.24
N ASP A 91 6.54 -30.01 -7.48
CA ASP A 91 6.83 -31.34 -7.99
C ASP A 91 5.94 -31.68 -9.19
N LEU A 92 4.62 -31.47 -9.07
CA LEU A 92 3.69 -31.74 -10.18
C LEU A 92 4.00 -30.91 -11.46
N VAL A 93 4.41 -29.66 -11.28
CA VAL A 93 4.84 -28.80 -12.40
C VAL A 93 6.09 -29.39 -13.07
N GLU A 94 7.03 -29.87 -12.26
CA GLU A 94 8.27 -30.47 -12.78
C GLU A 94 8.01 -31.79 -13.47
N ARG A 95 7.01 -32.54 -12.97
CA ARG A 95 6.56 -33.76 -13.62
C ARG A 95 6.05 -33.46 -15.02
N ASP A 96 5.14 -32.49 -15.12
CA ASP A 96 4.56 -32.04 -16.40
C ASP A 96 5.26 -30.81 -16.99
N ARG A 97 6.59 -30.76 -16.92
CA ARG A 97 7.35 -29.59 -17.37
C ARG A 97 7.30 -29.42 -18.87
N VAL A 98 7.48 -30.52 -19.60
CA VAL A 98 7.51 -30.50 -21.06
C VAL A 98 6.16 -30.08 -21.60
N TYR A 99 5.11 -30.77 -21.15
CA TYR A 99 3.73 -30.43 -21.51
C TYR A 99 3.49 -28.93 -21.33
N LEU A 100 3.81 -28.40 -20.16
CA LEU A 100 3.49 -27.00 -19.84
C LEU A 100 4.30 -25.98 -20.65
N ALA A 101 5.59 -26.25 -20.86
CA ALA A 101 6.44 -25.37 -21.68
C ALA A 101 6.00 -25.37 -23.15
N SER A 102 5.48 -26.50 -23.61
CA SER A 102 4.90 -26.63 -24.96
C SER A 102 3.60 -25.84 -25.09
N LEU A 103 2.65 -26.11 -24.22
CA LEU A 103 1.37 -25.37 -24.17
C LEU A 103 1.55 -23.83 -24.02
N GLU A 104 2.60 -23.42 -23.31
CA GLU A 104 2.95 -22.00 -23.21
C GLU A 104 3.37 -21.48 -24.58
N THR A 105 4.31 -22.18 -25.23
CA THR A 105 4.77 -21.78 -26.57
C THR A 105 3.61 -21.67 -27.56
N LEU A 106 2.82 -22.74 -27.62
CA LEU A 106 1.63 -22.81 -28.47
C LEU A 106 0.73 -21.57 -28.36
N ASP A 107 0.49 -21.12 -27.13
CA ASP A 107 -0.46 -20.05 -26.83
C ASP A 107 0.17 -18.64 -26.81
N ASN A 108 1.39 -18.54 -26.29
CA ASN A 108 2.07 -17.24 -26.13
C ASN A 108 2.89 -16.90 -27.36
N GLY A 109 3.50 -17.92 -27.95
CA GLY A 109 4.43 -17.76 -29.05
C GLY A 109 5.90 -17.70 -28.67
N LYS A 110 6.23 -17.72 -27.38
CA LYS A 110 7.64 -17.67 -26.97
C LYS A 110 8.41 -18.95 -27.41
N PRO A 111 9.72 -18.82 -27.72
CA PRO A 111 10.58 -19.97 -28.01
C PRO A 111 10.46 -21.10 -26.98
N PHE A 112 10.52 -22.34 -27.43
CA PHE A 112 10.38 -23.50 -26.52
C PHE A 112 11.62 -23.70 -25.66
N GLN A 113 12.77 -23.23 -26.15
CA GLN A 113 13.95 -23.09 -25.29
C GLN A 113 13.70 -22.17 -24.10
N GLU A 114 13.10 -20.99 -24.32
CA GLU A 114 12.77 -20.06 -23.24
C GLU A 114 11.76 -20.73 -22.29
N SER A 115 10.62 -21.12 -22.85
CA SER A 115 9.53 -21.71 -22.08
C SER A 115 9.97 -22.83 -21.16
N TYR A 116 10.84 -23.70 -21.64
CA TYR A 116 11.30 -24.84 -20.84
C TYR A 116 12.39 -24.45 -19.85
N ALA A 117 13.49 -23.91 -20.37
CA ALA A 117 14.67 -23.65 -19.56
C ALA A 117 14.54 -22.46 -18.62
N LEU A 118 13.92 -21.38 -19.06
CA LEU A 118 13.79 -20.18 -18.22
C LEU A 118 12.42 -20.12 -17.50
N ASP A 119 11.34 -19.93 -18.27
CA ASP A 119 9.99 -19.72 -17.71
C ASP A 119 9.60 -20.82 -16.71
N LEU A 120 9.62 -22.07 -17.18
CA LEU A 120 9.21 -23.20 -16.33
C LEU A 120 10.13 -23.46 -15.15
N ASP A 121 11.39 -23.03 -15.27
CA ASP A 121 12.35 -23.09 -14.15
C ASP A 121 12.01 -22.01 -13.11
N GLU A 122 11.64 -20.81 -13.57
CA GLU A 122 11.24 -19.72 -12.67
C GLU A 122 9.92 -20.04 -11.96
N VAL A 123 9.03 -20.79 -12.62
CA VAL A 123 7.76 -21.21 -12.01
C VAL A 123 7.96 -22.23 -10.88
N ILE A 124 8.79 -23.24 -11.13
CA ILE A 124 9.08 -24.25 -10.12
C ILE A 124 9.76 -23.58 -8.92
N LYS A 125 10.77 -22.74 -9.20
CA LYS A 125 11.55 -22.07 -8.15
C LYS A 125 10.73 -21.14 -7.27
N VAL A 126 9.75 -20.46 -7.88
CA VAL A 126 8.93 -19.50 -7.16
C VAL A 126 7.92 -20.21 -6.23
N TYR A 127 7.30 -21.30 -6.69
CA TYR A 127 6.45 -22.09 -5.81
C TYR A 127 7.24 -22.76 -4.67
N ARG A 128 8.40 -23.36 -4.98
CA ARG A 128 9.34 -23.89 -3.94
C ARG A 128 9.88 -22.82 -2.98
N TYR A 129 10.08 -21.60 -3.47
CA TYR A 129 10.61 -20.53 -2.63
C TYR A 129 9.59 -20.11 -1.57
N PHE A 130 8.37 -19.83 -2.01
CA PHE A 130 7.34 -19.34 -1.10
C PHE A 130 6.72 -20.46 -0.28
N ALA A 131 6.90 -21.71 -0.70
CA ALA A 131 6.65 -22.86 0.19
C ALA A 131 7.45 -22.72 1.49
N GLY A 132 8.72 -22.34 1.34
CA GLY A 132 9.60 -22.07 2.46
C GLY A 132 9.12 -20.94 3.37
N TRP A 133 8.50 -19.90 2.83
CA TRP A 133 8.12 -18.73 3.64
C TRP A 133 6.89 -18.95 4.51
N ALA A 134 6.07 -19.95 4.20
CA ALA A 134 4.75 -20.10 4.85
C ALA A 134 4.82 -20.13 6.38
N ASP A 135 5.73 -20.96 6.89
CA ASP A 135 5.91 -21.14 8.34
C ASP A 135 7.11 -20.37 8.91
N LYS A 136 7.64 -19.39 8.17
CA LYS A 136 8.76 -18.56 8.64
C LYS A 136 8.44 -17.08 8.69
N TRP A 137 7.15 -16.75 8.50
CA TRP A 137 6.72 -15.36 8.37
C TRP A 137 6.32 -14.86 9.74
N HIS A 138 7.25 -14.17 10.41
CA HIS A 138 7.12 -13.83 11.83
C HIS A 138 6.59 -12.44 12.13
N GLY A 139 5.68 -12.37 13.08
CA GLY A 139 5.28 -11.08 13.68
C GLY A 139 6.26 -10.66 14.76
N LYS A 140 5.80 -9.75 15.61
CA LYS A 140 6.65 -9.15 16.63
C LYS A 140 6.08 -9.31 18.02
N THR A 141 6.96 -9.27 19.01
CA THR A 141 6.60 -9.06 20.41
C THR A 141 7.30 -7.76 20.76
N ILE A 142 6.56 -6.81 21.34
CA ILE A 142 7.05 -5.42 21.43
C ILE A 142 7.23 -4.97 22.91
N PRO A 143 8.41 -4.36 23.25
CA PRO A 143 8.69 -3.86 24.60
C PRO A 143 8.08 -2.47 24.77
N MET A 144 6.78 -2.50 24.92
CA MET A 144 5.92 -1.34 24.92
C MET A 144 5.78 -0.71 26.32
N ASP A 145 5.53 0.61 26.37
CA ASP A 145 5.30 1.33 27.63
C ASP A 145 4.08 0.83 28.39
N GLY A 146 4.17 0.78 29.71
CA GLY A 146 3.04 0.43 30.58
C GLY A 146 3.05 -1.02 31.03
N GLN A 147 1.92 -1.47 31.58
CA GLN A 147 1.79 -2.82 32.13
C GLN A 147 1.13 -3.71 31.10
N HIS A 148 1.83 -3.90 29.98
CA HIS A 148 1.26 -4.53 28.80
C HIS A 148 2.17 -5.56 28.18
N PHE A 149 1.55 -6.61 27.65
CA PHE A 149 2.20 -7.52 26.74
C PHE A 149 1.62 -7.19 25.37
N CYS A 150 2.49 -6.79 24.45
CA CYS A 150 2.08 -6.44 23.09
C CYS A 150 2.79 -7.29 22.05
N PHE A 151 2.01 -7.87 21.14
CA PHE A 151 2.56 -8.59 19.98
C PHE A 151 1.75 -8.31 18.72
N THR A 152 2.34 -8.64 17.57
CA THR A 152 1.63 -8.53 16.30
C THR A 152 1.37 -9.91 15.72
N ARG A 153 0.19 -10.09 15.14
CA ARG A 153 -0.11 -11.24 14.28
C ARG A 153 0.01 -10.84 12.83
N HIS A 154 0.58 -11.72 12.03
CA HIS A 154 0.62 -11.58 10.59
C HIS A 154 -0.47 -12.44 9.98
N GLU A 155 -1.65 -11.83 9.83
CA GLU A 155 -2.81 -12.51 9.29
C GLU A 155 -2.81 -12.43 7.76
N PRO A 156 -3.50 -13.36 7.10
CA PRO A 156 -3.73 -13.13 5.69
C PRO A 156 -4.62 -11.91 5.52
N VAL A 157 -4.43 -11.18 4.43
CA VAL A 157 -5.27 -10.01 4.14
C VAL A 157 -6.70 -10.39 3.72
N GLY A 158 -6.88 -11.59 3.15
CA GLY A 158 -8.20 -12.18 2.91
C GLY A 158 -8.38 -12.74 1.51
N VAL A 159 -9.42 -12.27 0.83
CA VAL A 159 -9.71 -12.64 -0.56
C VAL A 159 -8.93 -11.68 -1.44
N CYS A 160 -8.02 -12.25 -2.22
CA CYS A 160 -7.11 -11.47 -3.05
C CYS A 160 -7.51 -11.66 -4.50
N GLY A 161 -7.89 -10.55 -5.14
CA GLY A 161 -8.17 -10.54 -6.57
C GLY A 161 -6.87 -10.35 -7.30
N GLN A 162 -6.59 -11.22 -8.26
CA GLN A 162 -5.29 -11.21 -8.95
C GLN A 162 -5.47 -11.20 -10.46
N ILE A 163 -4.92 -10.17 -11.09
CA ILE A 163 -5.07 -9.94 -12.53
C ILE A 163 -3.68 -9.85 -13.16
N ILE A 164 -3.46 -10.67 -14.19
CA ILE A 164 -2.16 -10.80 -14.82
C ILE A 164 -2.19 -10.67 -16.34
N PRO A 165 -1.06 -10.26 -16.94
CA PRO A 165 -0.95 -10.11 -18.39
C PRO A 165 -0.58 -11.42 -19.12
N TRP A 166 -0.28 -11.30 -20.42
CA TRP A 166 -0.16 -12.46 -21.34
C TRP A 166 1.28 -12.86 -21.63
N ASN A 167 2.26 -12.04 -21.22
CA ASN A 167 3.62 -12.20 -21.73
C ASN A 167 4.44 -13.32 -21.09
N PHE A 168 4.25 -13.55 -19.79
CA PHE A 168 4.82 -14.72 -19.08
C PHE A 168 3.70 -15.38 -18.28
N PRO A 169 2.71 -15.99 -18.97
CA PRO A 169 1.48 -16.52 -18.34
C PRO A 169 1.70 -17.31 -17.05
N LEU A 170 2.55 -18.33 -17.10
CA LEU A 170 2.76 -19.21 -15.95
C LEU A 170 3.55 -18.52 -14.83
N VAL A 171 4.56 -17.77 -15.23
CA VAL A 171 5.40 -17.05 -14.29
C VAL A 171 4.60 -15.95 -13.58
N MET A 172 3.82 -15.18 -14.33
CA MET A 172 3.04 -14.10 -13.73
C MET A 172 2.02 -14.63 -12.74
N GLN A 173 1.43 -15.78 -13.07
CA GLN A 173 0.52 -16.49 -12.16
C GLN A 173 1.24 -16.94 -10.88
N GLY A 174 2.45 -17.49 -11.02
CA GLY A 174 3.25 -17.97 -9.89
C GLY A 174 3.77 -16.88 -8.97
N TRP A 175 4.11 -15.72 -9.54
CA TRP A 175 4.47 -14.54 -8.74
C TRP A 175 3.29 -14.07 -7.90
N LYS A 176 2.08 -14.30 -8.39
CA LYS A 176 0.87 -13.96 -7.66
C LYS A 176 0.45 -15.02 -6.64
N LEU A 177 0.30 -16.27 -7.07
CA LEU A 177 -0.31 -17.31 -6.23
C LEU A 177 0.60 -17.74 -5.07
N ALA A 178 1.89 -17.87 -5.38
CA ALA A 178 2.87 -18.45 -4.46
C ALA A 178 2.99 -17.71 -3.13
N PRO A 179 3.20 -16.36 -3.16
CA PRO A 179 3.25 -15.64 -1.89
C PRO A 179 1.88 -15.51 -1.24
N ALA A 180 0.85 -15.31 -2.06
CA ALA A 180 -0.51 -15.14 -1.55
C ALA A 180 -0.97 -16.36 -0.76
N LEU A 181 -0.76 -17.54 -1.35
CA LEU A 181 -1.09 -18.80 -0.70
C LEU A 181 -0.20 -19.09 0.53
N ALA A 182 1.13 -18.94 0.39
CA ALA A 182 2.07 -19.09 1.52
C ALA A 182 1.62 -18.34 2.79
N THR A 183 1.09 -17.14 2.61
CA THR A 183 0.59 -16.29 3.71
C THR A 183 -0.87 -16.56 4.10
N GLY A 184 -1.50 -17.54 3.45
CA GLY A 184 -2.81 -18.06 3.88
C GLY A 184 -4.02 -17.37 3.29
N ASN A 185 -3.84 -16.64 2.21
CA ASN A 185 -4.96 -16.02 1.51
C ASN A 185 -5.69 -16.99 0.57
N THR A 186 -6.88 -16.59 0.13
CA THR A 186 -7.56 -17.23 -0.99
C THR A 186 -7.48 -16.29 -2.17
N VAL A 187 -7.67 -16.85 -3.36
CA VAL A 187 -7.42 -16.16 -4.64
C VAL A 187 -8.57 -16.28 -5.64
N VAL A 188 -8.92 -15.16 -6.27
CA VAL A 188 -9.70 -15.13 -7.50
C VAL A 188 -8.80 -14.54 -8.58
N MET A 189 -8.36 -15.39 -9.52
CA MET A 189 -7.43 -14.97 -10.58
C MET A 189 -8.08 -14.77 -11.95
N LYS A 190 -7.82 -13.62 -12.55
CA LYS A 190 -8.20 -13.29 -13.93
C LYS A 190 -6.95 -13.32 -14.82
N VAL A 191 -6.88 -14.30 -15.71
CA VAL A 191 -5.73 -14.44 -16.63
C VAL A 191 -6.03 -13.76 -17.96
N ALA A 192 -4.97 -13.28 -18.61
CA ALA A 192 -5.11 -12.58 -19.89
C ALA A 192 -5.91 -13.40 -20.93
N GLU A 193 -6.68 -12.68 -21.75
CA GLU A 193 -7.53 -13.27 -22.78
C GLU A 193 -6.69 -13.88 -23.90
N GLN A 194 -5.52 -13.30 -24.15
CA GLN A 194 -4.61 -13.79 -25.18
C GLN A 194 -4.03 -15.16 -24.85
N THR A 195 -3.80 -15.46 -23.58
CA THR A 195 -3.10 -16.69 -23.17
C THR A 195 -3.77 -17.32 -21.96
N PRO A 196 -4.95 -17.94 -22.16
CA PRO A 196 -5.70 -18.56 -21.07
C PRO A 196 -5.44 -20.05 -20.78
N LEU A 197 -4.75 -20.76 -21.68
CA LEU A 197 -4.69 -22.22 -21.60
C LEU A 197 -3.78 -22.81 -20.51
N SER A 198 -2.52 -22.36 -20.47
CA SER A 198 -1.54 -22.91 -19.53
C SER A 198 -1.96 -22.70 -18.07
N ALA A 199 -2.46 -21.50 -17.76
CA ALA A 199 -2.95 -21.19 -16.41
C ALA A 199 -4.05 -22.11 -15.93
N LEU A 200 -4.85 -22.64 -16.85
CA LEU A 200 -5.92 -23.61 -16.52
C LEU A 200 -5.37 -25.01 -16.24
N TYR A 201 -4.44 -25.49 -17.07
CA TYR A 201 -3.81 -26.79 -16.78
C TYR A 201 -3.13 -26.79 -15.41
N LEU A 202 -2.56 -25.64 -15.03
CA LEU A 202 -1.96 -25.51 -13.70
C LEU A 202 -3.00 -25.70 -12.57
N ALA A 203 -4.15 -25.03 -12.68
CA ALA A 203 -5.26 -25.20 -11.73
C ALA A 203 -5.63 -26.67 -11.54
N SER A 204 -5.51 -27.44 -12.61
CA SER A 204 -5.63 -28.91 -12.55
C SER A 204 -4.63 -29.55 -11.56
N LEU A 205 -3.41 -29.03 -11.50
CA LEU A 205 -2.38 -29.47 -10.55
C LEU A 205 -2.58 -28.91 -9.14
N ILE A 206 -3.19 -27.74 -9.01
CA ILE A 206 -3.61 -27.20 -7.70
C ILE A 206 -4.63 -28.15 -7.05
N LYS A 207 -5.59 -28.61 -7.85
CA LYS A 207 -6.55 -29.62 -7.38
C LYS A 207 -5.84 -30.93 -7.06
N GLU A 208 -4.98 -31.38 -7.96
CA GLU A 208 -4.26 -32.65 -7.77
C GLU A 208 -3.32 -32.62 -6.56
N ALA A 209 -2.68 -31.47 -6.32
CA ALA A 209 -1.85 -31.27 -5.13
C ALA A 209 -2.63 -31.31 -3.80
N GLY A 210 -3.94 -31.06 -3.85
CA GLY A 210 -4.81 -31.21 -2.70
C GLY A 210 -5.12 -29.93 -1.96
N PHE A 211 -5.05 -28.78 -2.64
CA PHE A 211 -5.51 -27.52 -2.06
C PHE A 211 -7.01 -27.62 -1.85
N PRO A 212 -7.53 -27.04 -0.75
CA PRO A 212 -8.99 -27.06 -0.55
C PRO A 212 -9.79 -26.39 -1.66
N PRO A 213 -11.08 -26.75 -1.78
CA PRO A 213 -11.94 -26.04 -2.73
C PRO A 213 -12.08 -24.56 -2.37
N GLY A 214 -12.00 -23.71 -3.38
CA GLY A 214 -12.23 -22.27 -3.23
C GLY A 214 -10.98 -21.46 -2.95
N VAL A 215 -9.87 -22.14 -2.68
CA VAL A 215 -8.64 -21.47 -2.29
C VAL A 215 -8.02 -20.76 -3.48
N VAL A 216 -7.99 -21.44 -4.62
CA VAL A 216 -7.60 -20.86 -5.90
C VAL A 216 -8.76 -20.99 -6.87
N ASN A 217 -9.14 -19.88 -7.49
CA ASN A 217 -10.16 -19.83 -8.53
C ASN A 217 -9.65 -19.09 -9.76
N ILE A 218 -9.91 -19.65 -10.94
CA ILE A 218 -9.43 -19.10 -12.21
C ILE A 218 -10.62 -18.66 -13.07
N ILE A 219 -10.56 -17.40 -13.51
CA ILE A 219 -11.52 -16.84 -14.45
C ILE A 219 -10.79 -16.45 -15.73
N THR A 220 -11.21 -17.04 -16.84
CA THR A 220 -10.84 -16.58 -18.20
C THR A 220 -11.94 -15.64 -18.71
N GLY A 221 -11.53 -14.51 -19.30
CA GLY A 221 -12.48 -13.49 -19.76
C GLY A 221 -11.80 -12.16 -19.99
N TYR A 222 -12.59 -11.15 -20.39
CA TYR A 222 -12.02 -9.85 -20.80
C TYR A 222 -11.77 -8.90 -19.65
N GLY A 223 -10.83 -7.99 -19.87
CA GLY A 223 -10.42 -7.00 -18.88
C GLY A 223 -11.51 -6.06 -18.36
N PRO A 224 -12.17 -5.30 -19.26
CA PRO A 224 -13.28 -4.42 -18.84
C PRO A 224 -14.54 -5.13 -18.28
N THR A 225 -14.66 -6.44 -18.53
CA THR A 225 -15.72 -7.28 -17.97
C THR A 225 -15.28 -8.03 -16.71
N ALA A 226 -14.45 -9.06 -16.90
CA ALA A 226 -14.05 -9.98 -15.82
C ALA A 226 -13.08 -9.34 -14.81
N GLY A 227 -12.08 -8.62 -15.33
CA GLY A 227 -11.14 -7.87 -14.49
C GLY A 227 -11.78 -6.74 -13.70
N ALA A 228 -12.60 -5.92 -14.36
CA ALA A 228 -13.32 -4.86 -13.66
C ALA A 228 -14.28 -5.41 -12.60
N ALA A 229 -14.84 -6.60 -12.82
CA ALA A 229 -15.73 -7.24 -11.83
C ALA A 229 -15.01 -7.52 -10.52
N ILE A 230 -13.75 -7.95 -10.64
CA ILE A 230 -12.87 -8.22 -9.49
C ILE A 230 -12.46 -6.95 -8.80
N ALA A 231 -11.91 -6.02 -9.56
CA ALA A 231 -11.39 -4.76 -9.02
C ALA A 231 -12.46 -3.92 -8.31
N GLN A 232 -13.70 -4.00 -8.77
CA GLN A 232 -14.82 -3.26 -8.18
C GLN A 232 -15.55 -4.06 -7.13
N HIS A 233 -15.36 -5.39 -7.12
CA HIS A 233 -16.06 -6.25 -6.17
C HIS A 233 -15.91 -5.75 -4.75
N MET A 234 -17.01 -5.88 -4.01
CA MET A 234 -17.17 -5.21 -2.74
C MET A 234 -16.78 -6.11 -1.55
N ASP A 235 -16.74 -7.41 -1.79
CA ASP A 235 -16.23 -8.44 -0.88
C ASP A 235 -14.80 -8.98 -1.21
N VAL A 236 -14.05 -8.31 -2.08
CA VAL A 236 -12.66 -8.69 -2.31
C VAL A 236 -11.84 -7.75 -1.47
N ASP A 237 -10.86 -8.30 -0.75
CA ASP A 237 -10.09 -7.54 0.25
C ASP A 237 -8.86 -6.87 -0.31
N LYS A 238 -8.32 -7.48 -1.35
CA LYS A 238 -7.12 -7.00 -1.97
C LYS A 238 -7.16 -7.26 -3.47
N VAL A 239 -6.66 -6.30 -4.26
CA VAL A 239 -6.40 -6.53 -5.69
C VAL A 239 -4.90 -6.37 -5.98
N ALA A 240 -4.33 -7.36 -6.65
CA ALA A 240 -2.97 -7.26 -7.14
C ALA A 240 -3.06 -7.30 -8.65
N PHE A 241 -2.69 -6.17 -9.27
CA PHE A 241 -2.80 -5.97 -10.70
C PHE A 241 -1.42 -5.86 -11.30
N THR A 242 -1.14 -6.73 -12.27
CA THR A 242 -0.01 -6.56 -13.14
C THR A 242 -0.57 -6.25 -14.53
N GLY A 243 -0.11 -5.15 -15.12
CA GLY A 243 -0.53 -4.73 -16.47
C GLY A 243 0.02 -3.39 -16.91
N SER A 244 -0.68 -2.72 -17.82
CA SER A 244 -0.30 -1.37 -18.30
C SER A 244 -0.50 -0.33 -17.23
N THR A 245 0.33 0.71 -17.25
CA THR A 245 0.13 1.86 -16.40
C THR A 245 -1.27 2.38 -16.60
N GLU A 246 -1.72 2.41 -17.85
CA GLU A 246 -3.05 2.94 -18.20
C GLU A 246 -4.14 2.30 -17.35
N VAL A 247 -4.25 0.97 -17.44
CA VAL A 247 -5.27 0.21 -16.67
C VAL A 247 -4.96 0.33 -15.15
N GLY A 248 -3.69 0.44 -14.78
CA GLY A 248 -3.32 0.70 -13.39
C GLY A 248 -4.09 1.82 -12.71
N HIS A 249 -4.15 3.00 -13.36
CA HIS A 249 -4.90 4.17 -12.86
C HIS A 249 -6.35 3.79 -12.57
N LEU A 250 -6.93 2.95 -13.42
CA LEU A 250 -8.34 2.52 -13.28
C LEU A 250 -8.58 1.59 -12.11
N ILE A 251 -7.61 0.70 -11.87
CA ILE A 251 -7.64 -0.27 -10.75
C ILE A 251 -7.58 0.51 -9.43
N GLN A 252 -6.59 1.38 -9.26
CA GLN A 252 -6.51 2.18 -8.04
C GLN A 252 -7.74 3.05 -7.84
N LYS A 253 -8.30 3.60 -8.92
CA LYS A 253 -9.59 4.33 -8.85
C LYS A 253 -10.74 3.44 -8.46
N ALA A 254 -10.80 2.25 -9.06
CA ALA A 254 -11.86 1.26 -8.79
C ALA A 254 -11.90 0.83 -7.32
N ALA A 255 -10.72 0.77 -6.69
CA ALA A 255 -10.60 0.41 -5.28
C ALA A 255 -11.17 1.52 -4.41
N GLY A 256 -10.68 2.74 -4.60
CA GLY A 256 -11.25 3.90 -3.95
C GLY A 256 -12.75 4.07 -4.20
N ASP A 257 -13.22 3.62 -5.35
CA ASP A 257 -14.63 3.71 -5.73
C ASP A 257 -15.48 2.58 -5.14
N SER A 258 -14.87 1.53 -4.61
CA SER A 258 -15.61 0.37 -4.06
C SER A 258 -15.47 0.28 -2.52
N ASN A 259 -14.62 -0.63 -2.04
CA ASN A 259 -14.56 -1.00 -0.60
C ASN A 259 -13.20 -0.68 0.07
N LEU A 260 -12.40 0.18 -0.56
CA LEU A 260 -11.02 0.46 -0.16
C LEU A 260 -10.14 -0.78 -0.03
N LYS A 261 -10.32 -1.73 -0.93
CA LYS A 261 -9.41 -2.86 -0.99
C LYS A 261 -7.95 -2.39 -1.12
N ARG A 262 -7.05 -3.26 -0.68
CA ARG A 262 -5.63 -2.97 -0.72
C ARG A 262 -5.15 -3.23 -2.15
N VAL A 263 -4.19 -2.43 -2.58
CA VAL A 263 -3.78 -2.42 -3.99
C VAL A 263 -2.27 -2.51 -4.13
N THR A 264 -1.80 -3.52 -4.84
CA THR A 264 -0.45 -3.53 -5.39
C THR A 264 -0.56 -3.46 -6.90
N LEU A 265 0.26 -2.58 -7.48
CA LEU A 265 0.33 -2.38 -8.92
C LEU A 265 1.74 -2.70 -9.42
N GLU A 266 1.78 -3.56 -10.44
CA GLU A 266 2.99 -3.87 -11.17
C GLU A 266 2.79 -3.46 -12.62
N LEU A 267 3.35 -2.32 -13.02
CA LEU A 267 2.92 -1.65 -14.26
C LEU A 267 4.02 -1.58 -15.37
N GLY A 268 3.78 -0.79 -16.41
CA GLY A 268 4.72 -0.67 -17.51
C GLY A 268 6.08 -0.10 -17.15
N GLY A 269 6.98 -0.09 -18.14
CA GLY A 269 8.30 0.52 -18.02
C GLY A 269 8.81 1.15 -19.30
N LYS A 270 9.85 1.96 -19.18
CA LYS A 270 10.70 2.39 -20.29
C LYS A 270 12.13 2.44 -19.77
N SER A 271 12.62 1.26 -19.39
CA SER A 271 13.83 1.12 -18.59
C SER A 271 15.09 1.38 -19.44
N PRO A 272 15.99 2.25 -18.95
CA PRO A 272 17.25 2.52 -19.62
C PRO A 272 18.40 1.57 -19.26
N SER A 273 19.06 0.99 -20.26
CA SER A 273 20.40 0.39 -20.09
C SER A 273 21.46 1.46 -20.45
N ILE A 274 22.45 1.68 -19.58
CA ILE A 274 23.42 2.78 -19.71
C ILE A 274 24.85 2.24 -19.81
N VAL A 275 25.47 2.38 -20.97
CA VAL A 275 26.82 1.82 -21.19
C VAL A 275 27.87 2.93 -21.08
N LEU A 276 28.86 2.71 -20.23
CA LEU A 276 29.94 3.67 -20.05
C LEU A 276 31.13 3.21 -20.89
N ALA A 277 32.11 4.11 -21.04
CA ALA A 277 33.26 3.93 -21.95
C ALA A 277 34.16 2.75 -21.55
N ASP A 278 34.33 2.54 -20.24
CA ASP A 278 35.19 1.48 -19.70
C ASP A 278 34.55 0.11 -19.58
N ALA A 279 33.31 -0.03 -20.01
CA ALA A 279 32.63 -1.34 -20.02
C ALA A 279 33.29 -2.32 -20.97
N ASP A 280 33.12 -3.61 -20.69
CA ASP A 280 33.51 -4.68 -21.59
C ASP A 280 32.49 -4.57 -22.71
N MET A 281 32.94 -4.07 -23.85
CA MET A 281 32.12 -3.83 -25.04
C MET A 281 31.29 -5.06 -25.45
N GLU A 282 31.96 -6.14 -25.87
CA GLU A 282 31.29 -7.37 -26.35
C GLU A 282 30.15 -7.80 -25.42
N HIS A 283 30.46 -7.79 -24.13
CA HIS A 283 29.52 -8.16 -23.08
C HIS A 283 28.37 -7.15 -22.98
N ALA A 284 28.72 -5.87 -22.92
CA ALA A 284 27.72 -4.80 -22.84
C ALA A 284 26.77 -4.81 -24.03
N VAL A 285 27.32 -5.11 -25.22
CA VAL A 285 26.55 -5.23 -26.46
C VAL A 285 25.58 -6.41 -26.36
N GLU A 286 26.11 -7.58 -26.02
CA GLU A 286 25.32 -8.81 -25.89
C GLU A 286 24.18 -8.69 -24.87
N GLN A 287 24.46 -8.00 -23.76
CA GLN A 287 23.51 -7.84 -22.66
C GLN A 287 22.40 -6.82 -22.96
N CYS A 288 22.78 -5.67 -23.49
CA CYS A 288 21.82 -4.66 -23.94
C CYS A 288 20.95 -5.16 -25.08
N HIS A 289 21.54 -5.97 -25.96
CA HIS A 289 20.80 -6.63 -27.02
C HIS A 289 19.70 -7.51 -26.44
N GLU A 290 20.10 -8.46 -25.58
CA GLU A 290 19.14 -9.37 -24.94
C GLU A 290 18.18 -8.60 -24.01
N ALA A 291 18.67 -7.51 -23.41
CA ALA A 291 17.82 -6.67 -22.55
C ALA A 291 16.50 -6.28 -23.21
N LEU A 292 16.57 -5.96 -24.50
CA LEU A 292 15.42 -5.48 -25.25
C LEU A 292 14.71 -6.63 -25.96
N PHE A 293 15.46 -7.48 -26.65
CA PHE A 293 14.86 -8.49 -27.55
C PHE A 293 14.29 -9.73 -26.85
N PHE A 294 14.58 -9.87 -25.55
CA PHE A 294 14.08 -10.98 -24.75
C PHE A 294 12.56 -11.01 -24.72
N ASN A 295 12.03 -12.22 -24.89
CA ASN A 295 10.59 -12.49 -25.04
C ASN A 295 9.96 -11.61 -26.13
N MET A 296 10.64 -11.54 -27.27
CA MET A 296 10.24 -10.73 -28.42
C MET A 296 9.99 -9.25 -28.09
N GLY A 297 10.73 -8.71 -27.12
CA GLY A 297 10.52 -7.34 -26.64
C GLY A 297 9.31 -7.12 -25.74
N GLN A 298 8.60 -8.20 -25.40
CA GLN A 298 7.34 -8.16 -24.65
C GLN A 298 7.71 -8.48 -23.19
N CYS A 299 8.46 -7.56 -22.58
CA CYS A 299 8.97 -7.70 -21.21
C CYS A 299 8.88 -6.35 -20.53
N CYS A 300 8.24 -6.32 -19.37
CA CYS A 300 7.97 -5.09 -18.63
C CYS A 300 9.21 -4.23 -18.39
N CYS A 301 10.28 -4.87 -17.94
CA CYS A 301 11.51 -4.17 -17.58
C CYS A 301 12.58 -4.20 -18.66
N ALA A 302 12.20 -4.51 -19.91
CA ALA A 302 13.11 -4.55 -21.06
C ALA A 302 14.00 -3.31 -21.16
N GLY A 303 15.26 -3.50 -21.57
CA GLY A 303 16.20 -2.38 -21.84
C GLY A 303 15.86 -1.64 -23.12
N SER A 304 14.76 -0.90 -23.08
CA SER A 304 14.15 -0.30 -24.26
C SER A 304 14.61 1.14 -24.51
N ARG A 305 15.67 1.55 -23.82
CA ARG A 305 16.45 2.76 -24.13
C ARG A 305 17.91 2.49 -23.82
N THR A 306 18.65 2.05 -24.83
CA THR A 306 20.09 1.82 -24.72
C THR A 306 20.87 3.14 -24.83
N PHE A 307 21.42 3.64 -23.73
CA PHE A 307 22.24 4.87 -23.73
C PHE A 307 23.72 4.46 -23.82
N VAL A 308 24.51 5.17 -24.63
CA VAL A 308 25.92 4.79 -24.90
C VAL A 308 26.83 6.01 -24.94
N GLU A 309 27.95 5.92 -24.22
CA GLU A 309 28.91 7.03 -24.12
C GLU A 309 29.58 7.31 -25.46
N GLU A 310 29.74 8.60 -25.75
CA GLU A 310 30.09 9.09 -27.11
C GLU A 310 31.27 8.35 -27.72
N SER A 311 32.33 8.19 -26.93
CA SER A 311 33.59 7.61 -27.40
C SER A 311 33.51 6.15 -27.90
N ILE A 312 32.49 5.40 -27.48
CA ILE A 312 32.31 4.00 -27.94
C ILE A 312 31.03 3.75 -28.77
N TYR A 313 30.29 4.81 -29.05
CA TYR A 313 28.97 4.74 -29.70
C TYR A 313 28.96 4.07 -31.07
N ASN A 314 29.86 4.47 -31.96
CA ASN A 314 29.88 3.94 -33.33
C ASN A 314 30.14 2.45 -33.33
N GLU A 315 31.17 2.05 -32.59
CA GLU A 315 31.50 0.64 -32.40
C GLU A 315 30.34 -0.12 -31.76
N PHE A 316 29.67 0.50 -30.79
CA PHE A 316 28.52 -0.13 -30.14
C PHE A 316 27.39 -0.36 -31.14
N LEU A 317 27.03 0.71 -31.85
CA LEU A 317 25.96 0.69 -32.85
C LEU A 317 26.15 -0.44 -33.84
N GLU A 318 27.32 -0.45 -34.50
CA GLU A 318 27.62 -1.46 -35.52
C GLU A 318 27.40 -2.89 -34.99
N ARG A 319 27.94 -3.18 -33.81
CA ARG A 319 27.86 -4.51 -33.20
C ARG A 319 26.42 -4.88 -32.81
N THR A 320 25.69 -3.91 -32.25
CA THR A 320 24.27 -4.08 -31.93
C THR A 320 23.44 -4.42 -33.17
N VAL A 321 23.63 -3.63 -34.23
CA VAL A 321 22.94 -3.89 -35.50
C VAL A 321 23.22 -5.29 -36.05
N GLU A 322 24.50 -5.70 -36.03
CA GLU A 322 24.88 -7.02 -36.48
C GLU A 322 24.10 -8.08 -35.70
N LYS A 323 24.12 -7.94 -34.38
CA LYS A 323 23.44 -8.86 -33.45
C LYS A 323 21.94 -8.98 -33.79
N ALA A 324 21.29 -7.85 -34.01
CA ALA A 324 19.87 -7.80 -34.39
C ALA A 324 19.59 -8.61 -35.66
N LYS A 325 20.43 -8.38 -36.67
CA LYS A 325 20.37 -9.13 -37.94
C LYS A 325 20.67 -10.63 -37.77
N GLN A 326 21.50 -10.97 -36.79
CA GLN A 326 21.82 -12.36 -36.45
C GLN A 326 20.71 -13.17 -35.75
N ARG A 327 19.78 -12.49 -35.08
CA ARG A 327 18.84 -13.16 -34.17
C ARG A 327 17.84 -14.04 -34.92
N LYS A 328 17.95 -15.36 -34.78
CA LYS A 328 17.09 -16.27 -35.53
C LYS A 328 15.62 -16.10 -35.19
N VAL A 329 14.89 -15.51 -36.13
CA VAL A 329 13.43 -15.40 -36.07
C VAL A 329 12.84 -16.66 -36.72
N GLY A 330 11.68 -17.11 -36.26
CA GLY A 330 11.03 -18.28 -36.85
C GLY A 330 10.13 -19.03 -35.90
N ASN A 331 9.79 -20.26 -36.26
CA ASN A 331 8.87 -21.07 -35.48
C ASN A 331 9.43 -21.35 -34.07
N PRO A 332 8.67 -20.97 -33.02
CA PRO A 332 9.17 -21.16 -31.65
C PRO A 332 9.44 -22.62 -31.19
N PHE A 333 8.83 -23.61 -31.84
CA PHE A 333 9.06 -25.02 -31.51
C PHE A 333 10.43 -25.54 -31.99
N GLU A 334 11.09 -24.81 -32.87
CA GLU A 334 12.44 -25.19 -33.31
C GLU A 334 13.45 -24.79 -32.25
N LEU A 335 14.35 -25.70 -31.92
CA LEU A 335 15.22 -25.54 -30.75
C LEU A 335 16.10 -24.28 -30.81
N ASP A 336 16.57 -23.92 -32.00
CA ASP A 336 17.46 -22.75 -32.13
C ASP A 336 16.74 -21.40 -32.41
N THR A 337 15.41 -21.38 -32.47
CA THR A 337 14.68 -20.12 -32.59
C THR A 337 14.90 -19.24 -31.36
N GLN A 338 15.23 -17.98 -31.58
CA GLN A 338 15.41 -16.96 -30.52
C GLN A 338 14.27 -15.95 -30.39
N GLN A 339 13.53 -15.72 -31.48
CA GLN A 339 12.45 -14.74 -31.48
C GLN A 339 11.24 -15.28 -32.20
N GLY A 340 10.14 -15.39 -31.46
CA GLY A 340 8.87 -15.86 -32.01
C GLY A 340 8.02 -14.71 -32.50
N PRO A 341 6.71 -14.98 -32.72
CA PRO A 341 5.80 -13.93 -33.14
C PRO A 341 5.34 -13.12 -31.96
N GLN A 342 4.75 -11.96 -32.23
CA GLN A 342 4.08 -11.17 -31.20
C GLN A 342 2.78 -11.89 -30.89
N VAL A 343 2.18 -11.52 -29.76
CA VAL A 343 1.18 -12.37 -29.13
C VAL A 343 -0.16 -12.47 -29.90
N ASP A 344 -0.53 -11.39 -30.58
CA ASP A 344 -1.75 -11.37 -31.38
C ASP A 344 -1.67 -10.28 -32.46
N LYS A 345 -2.72 -10.18 -33.27
CA LYS A 345 -2.81 -9.17 -34.33
C LYS A 345 -2.73 -7.74 -33.76
N GLU A 346 -3.49 -7.46 -32.69
CA GLU A 346 -3.50 -6.11 -32.14
C GLU A 346 -2.08 -5.66 -31.70
N GLN A 347 -1.36 -6.54 -31.02
CA GLN A 347 -0.01 -6.23 -30.58
C GLN A 347 0.97 -6.14 -31.77
N PHE A 348 0.84 -7.06 -32.72
CA PHE A 348 1.60 -7.06 -33.99
C PHE A 348 1.53 -5.73 -34.74
N GLU A 349 0.30 -5.25 -34.96
CA GLU A 349 0.05 -3.98 -35.65
C GLU A 349 0.48 -2.75 -34.84
N ARG A 350 0.30 -2.79 -33.52
CA ARG A 350 0.69 -1.68 -32.64
C ARG A 350 2.19 -1.39 -32.75
N VAL A 351 2.99 -2.45 -32.83
CA VAL A 351 4.44 -2.37 -32.98
C VAL A 351 4.85 -1.85 -34.38
N LEU A 352 4.25 -2.39 -35.44
CA LEU A 352 4.54 -1.84 -36.78
C LEU A 352 4.16 -0.36 -36.87
N GLY A 353 3.11 0.05 -36.17
CA GLY A 353 2.79 1.48 -36.01
C GLY A 353 3.93 2.27 -35.39
N TYR A 354 4.52 1.74 -34.33
CA TYR A 354 5.68 2.38 -33.69
C TYR A 354 6.91 2.42 -34.57
N ILE A 355 7.11 1.37 -35.36
CA ILE A 355 8.21 1.33 -36.31
C ILE A 355 8.04 2.46 -37.34
N GLN A 356 6.86 2.55 -37.93
CA GLN A 356 6.50 3.66 -38.86
C GLN A 356 6.64 5.02 -38.20
N LEU A 357 6.03 5.15 -37.02
CA LEU A 357 6.07 6.38 -36.23
C LEU A 357 7.50 6.85 -35.91
N GLY A 358 8.41 5.92 -35.65
CA GLY A 358 9.80 6.28 -35.33
C GLY A 358 10.50 7.03 -36.46
N GLN A 359 10.38 6.47 -37.67
CA GLN A 359 10.98 7.07 -38.87
C GLN A 359 10.30 8.38 -39.29
N LYS A 360 8.99 8.49 -39.11
CA LYS A 360 8.27 9.79 -39.31
C LYS A 360 8.82 10.92 -38.41
N GLU A 361 9.31 10.57 -37.23
CA GLU A 361 9.88 11.55 -36.29
C GLU A 361 11.36 11.88 -36.55
N GLY A 362 11.97 11.24 -37.53
CA GLY A 362 13.36 11.51 -37.89
C GLY A 362 14.36 10.61 -37.18
N ALA A 363 13.90 9.44 -36.73
CA ALA A 363 14.82 8.41 -36.25
C ALA A 363 15.35 7.66 -37.46
N LYS A 364 16.63 7.29 -37.43
CA LYS A 364 17.27 6.49 -38.48
C LYS A 364 17.02 4.98 -38.25
N LEU A 365 16.31 4.35 -39.17
CA LEU A 365 16.16 2.89 -39.19
C LEU A 365 17.50 2.26 -39.62
N LEU A 366 17.96 1.26 -38.88
CA LEU A 366 19.25 0.61 -39.17
C LEU A 366 19.13 -0.85 -39.62
N CYS A 367 18.05 -1.52 -39.25
CA CYS A 367 17.76 -2.86 -39.76
C CYS A 367 16.30 -3.22 -39.52
N GLY A 368 15.88 -4.35 -40.10
CA GLY A 368 14.50 -4.85 -40.01
C GLY A 368 13.50 -3.78 -40.42
N GLY A 369 12.43 -3.66 -39.65
CA GLY A 369 11.45 -2.56 -39.80
C GLY A 369 10.13 -2.89 -40.50
N GLU A 370 9.86 -4.17 -40.73
CA GLU A 370 8.66 -4.60 -41.45
C GLU A 370 8.23 -5.94 -40.89
N ARG A 371 7.16 -6.50 -41.44
CA ARG A 371 6.80 -7.89 -41.12
C ARG A 371 7.97 -8.87 -41.47
N PHE A 372 7.97 -10.05 -40.86
CA PHE A 372 8.89 -11.14 -41.23
C PHE A 372 8.02 -12.24 -41.78
N GLY A 373 8.09 -12.42 -43.10
CA GLY A 373 7.27 -13.42 -43.78
C GLY A 373 5.87 -12.90 -43.92
N GLU A 374 4.94 -13.82 -44.14
CA GLU A 374 3.54 -13.45 -44.36
C GLU A 374 2.56 -14.35 -43.63
N ARG A 375 3.01 -15.08 -42.61
CA ARG A 375 2.12 -15.93 -41.82
C ARG A 375 2.47 -15.75 -40.35
N GLY A 376 1.45 -15.79 -39.50
CA GLY A 376 1.62 -15.48 -38.09
C GLY A 376 1.93 -14.01 -37.88
N PHE A 377 2.50 -13.67 -36.74
CA PHE A 377 2.68 -12.27 -36.32
C PHE A 377 4.13 -11.93 -36.07
N PHE A 378 4.98 -12.29 -37.03
CA PHE A 378 6.42 -12.08 -36.88
C PHE A 378 6.83 -10.69 -37.37
N ILE A 379 7.78 -10.08 -36.65
CA ILE A 379 8.37 -8.80 -36.99
C ILE A 379 9.88 -8.97 -36.99
N LYS A 380 10.56 -8.20 -37.84
CA LYS A 380 12.03 -8.27 -37.95
C LYS A 380 12.69 -7.48 -36.80
N PRO A 381 13.71 -8.07 -36.14
CA PRO A 381 14.53 -7.31 -35.21
C PRO A 381 14.83 -5.94 -35.78
N THR A 382 14.43 -4.91 -35.07
CA THR A 382 14.54 -3.53 -35.54
C THR A 382 15.40 -2.75 -34.54
N VAL A 383 16.25 -1.84 -35.06
CA VAL A 383 17.15 -1.01 -34.24
C VAL A 383 17.12 0.41 -34.82
N PHE A 384 17.11 1.42 -33.96
CA PHE A 384 16.96 2.83 -34.37
C PHE A 384 18.14 3.69 -33.91
N GLY A 385 18.78 4.35 -34.87
CA GLY A 385 19.96 5.19 -34.61
C GLY A 385 19.57 6.62 -34.34
N GLY A 386 20.46 7.34 -33.64
CA GLY A 386 20.32 8.78 -33.41
C GLY A 386 18.97 9.22 -32.85
N VAL A 387 18.49 8.53 -31.81
CA VAL A 387 17.15 8.77 -31.25
C VAL A 387 17.24 9.88 -30.20
N GLN A 388 16.19 10.69 -30.13
CA GLN A 388 16.16 11.86 -29.25
C GLN A 388 15.08 11.70 -28.19
N ASP A 389 15.31 12.33 -27.04
CA ASP A 389 14.46 12.19 -25.85
C ASP A 389 12.98 12.54 -26.08
N ASP A 390 12.74 13.52 -26.96
CA ASP A 390 11.39 14.06 -27.20
C ASP A 390 10.54 13.23 -28.18
N MET A 391 11.13 12.27 -28.86
CA MET A 391 10.39 11.40 -29.78
C MET A 391 9.45 10.47 -29.01
N ARG A 392 8.29 10.17 -29.58
CA ARG A 392 7.36 9.20 -29.00
C ARG A 392 7.97 7.80 -28.78
N ILE A 393 8.83 7.33 -29.69
CA ILE A 393 9.52 6.03 -29.48
C ILE A 393 10.58 6.06 -28.37
N ALA A 394 11.03 7.24 -27.97
CA ALA A 394 11.86 7.41 -26.76
C ALA A 394 11.05 7.38 -25.45
N LYS A 395 9.78 7.79 -25.51
CA LYS A 395 8.95 8.02 -24.31
C LYS A 395 7.96 6.91 -23.99
N GLU A 396 7.40 6.26 -25.01
CA GLU A 396 6.27 5.36 -24.83
C GLU A 396 6.68 3.92 -24.90
N GLU A 397 5.99 3.08 -24.14
CA GLU A 397 6.24 1.64 -24.11
C GLU A 397 5.82 0.95 -25.42
N ILE A 398 6.82 0.57 -26.23
CA ILE A 398 6.59 -0.08 -27.52
C ILE A 398 6.08 -1.51 -27.33
N PHE A 399 6.81 -2.27 -26.51
CA PHE A 399 6.49 -3.66 -26.16
C PHE A 399 6.68 -4.59 -27.37
N GLY A 400 7.78 -4.37 -28.09
CA GLY A 400 8.11 -5.15 -29.26
C GLY A 400 9.59 -5.07 -29.58
N PRO A 401 10.05 -5.86 -30.57
CA PRO A 401 11.49 -5.96 -30.84
C PRO A 401 12.01 -4.75 -31.61
N VAL A 402 12.09 -3.62 -30.89
CA VAL A 402 12.49 -2.33 -31.43
C VAL A 402 13.44 -1.69 -30.43
N GLN A 403 14.72 -1.60 -30.79
CA GLN A 403 15.79 -1.13 -29.89
C GLN A 403 16.28 0.26 -30.28
N PRO A 404 15.75 1.32 -29.65
CA PRO A 404 16.30 2.65 -29.93
C PRO A 404 17.61 2.94 -29.20
N LEU A 405 18.65 3.34 -29.94
CA LEU A 405 19.95 3.75 -29.37
C LEU A 405 20.04 5.26 -29.17
N PHE A 406 20.74 5.66 -28.10
CA PHE A 406 20.90 7.06 -27.69
C PHE A 406 22.37 7.30 -27.49
N LYS A 407 22.73 8.56 -27.32
CA LYS A 407 24.12 8.96 -27.23
C LYS A 407 24.24 10.02 -26.13
N PHE A 408 25.27 9.92 -25.30
CA PHE A 408 25.52 10.89 -24.23
C PHE A 408 27.01 11.18 -24.03
N LYS A 409 27.30 12.26 -23.32
CA LYS A 409 28.66 12.71 -23.05
C LYS A 409 29.01 12.54 -21.58
N LYS A 410 28.23 13.15 -20.70
CA LYS A 410 28.46 13.15 -19.24
C LYS A 410 27.50 12.26 -18.42
N ILE A 411 27.93 11.98 -17.19
CA ILE A 411 27.18 11.11 -16.27
C ILE A 411 25.95 11.86 -15.76
N GLU A 412 26.18 13.06 -15.24
CA GLU A 412 25.11 13.95 -14.76
C GLU A 412 24.06 14.20 -15.84
N GLU A 413 24.49 14.19 -17.10
CA GLU A 413 23.58 14.23 -18.23
C GLU A 413 22.73 12.97 -18.33
N VAL A 414 23.35 11.79 -18.40
CA VAL A 414 22.60 10.54 -18.63
C VAL A 414 21.69 10.18 -17.45
N VAL A 415 22.11 10.50 -16.22
CA VAL A 415 21.25 10.34 -15.04
C VAL A 415 19.97 11.17 -15.18
N GLU A 416 20.13 12.43 -15.58
CA GLU A 416 19.00 13.35 -15.81
C GLU A 416 18.05 12.77 -16.84
N ARG A 417 18.62 12.37 -17.98
CA ARG A 417 17.86 11.88 -19.13
C ARG A 417 17.21 10.51 -18.88
N ALA A 418 17.94 9.63 -18.20
CA ALA A 418 17.40 8.33 -17.80
C ALA A 418 16.20 8.47 -16.85
N ASN A 419 16.36 9.33 -15.85
CA ASN A 419 15.30 9.57 -14.85
C ASN A 419 14.10 10.39 -15.31
N ASN A 420 14.26 11.12 -16.42
CA ASN A 420 13.23 12.04 -16.90
C ASN A 420 12.10 11.29 -17.61
N THR A 421 11.31 10.56 -16.82
CA THR A 421 10.22 9.74 -17.34
C THR A 421 9.27 9.44 -16.20
N ARG A 422 7.99 9.24 -16.51
CA ARG A 422 6.98 8.88 -15.52
C ARG A 422 7.13 7.40 -15.11
N TYR A 423 7.88 6.63 -15.90
CA TYR A 423 8.27 5.28 -15.56
C TYR A 423 9.47 5.21 -14.59
N GLY A 424 9.67 4.02 -14.05
CA GLY A 424 10.79 3.73 -13.14
C GLY A 424 10.74 2.31 -12.58
N LEU A 425 10.58 1.35 -13.47
CA LEU A 425 10.54 -0.06 -13.10
C LEU A 425 11.94 -0.58 -12.87
N ALA A 426 12.83 -0.30 -13.81
CA ALA A 426 14.17 -0.87 -13.82
C ALA A 426 15.19 0.02 -14.53
N ALA A 427 16.46 -0.33 -14.35
CA ALA A 427 17.56 0.31 -15.05
C ALA A 427 18.80 -0.57 -14.94
N ALA A 428 19.79 -0.24 -15.77
CA ALA A 428 21.08 -0.92 -15.76
C ALA A 428 22.22 0.04 -16.07
N VAL A 429 23.40 -0.29 -15.57
CA VAL A 429 24.64 0.39 -15.96
C VAL A 429 25.70 -0.67 -16.28
N PHE A 430 26.56 -0.36 -17.25
CA PHE A 430 27.66 -1.25 -17.60
C PHE A 430 28.95 -0.50 -17.41
N THR A 431 29.78 -0.97 -16.49
CA THR A 431 31.02 -0.29 -16.14
C THR A 431 31.95 -1.21 -15.37
N ARG A 432 33.24 -0.93 -15.49
CA ARG A 432 34.30 -1.61 -14.77
C ARG A 432 34.62 -0.87 -13.47
N ASP A 433 34.24 0.41 -13.39
CA ASP A 433 34.69 1.29 -12.31
C ASP A 433 33.77 1.15 -11.10
N LEU A 434 34.35 1.07 -9.90
CA LEU A 434 33.60 0.86 -8.66
C LEU A 434 32.74 2.08 -8.25
N ASP A 435 33.39 3.23 -8.10
CA ASP A 435 32.74 4.50 -7.73
C ASP A 435 31.55 4.86 -8.63
N LYS A 436 31.71 4.60 -9.92
CA LYS A 436 30.68 4.90 -10.92
C LYS A 436 29.47 4.00 -10.70
N ALA A 437 29.70 2.70 -10.69
CA ALA A 437 28.66 1.71 -10.36
C ALA A 437 27.94 2.08 -9.07
N MET A 438 28.72 2.49 -8.07
CA MET A 438 28.15 2.85 -6.78
C MET A 438 27.30 4.10 -6.89
N TYR A 439 27.74 5.08 -7.67
CA TYR A 439 26.97 6.31 -7.87
C TYR A 439 25.63 6.09 -8.59
N PHE A 440 25.67 5.33 -9.68
CA PHE A 440 24.47 4.99 -10.44
C PHE A 440 23.41 4.22 -9.63
N THR A 441 23.86 3.38 -8.69
CA THR A 441 22.92 2.64 -7.84
C THR A 441 22.16 3.57 -6.88
N GLN A 442 22.75 4.71 -6.51
CA GLN A 442 22.03 5.73 -5.75
C GLN A 442 21.19 6.66 -6.60
N ALA A 443 21.65 6.96 -7.81
CA ALA A 443 21.10 8.04 -8.63
C ALA A 443 19.86 7.63 -9.42
N LEU A 444 19.91 6.45 -10.05
CA LEU A 444 18.83 5.99 -10.92
C LEU A 444 17.53 5.76 -10.15
N GLN A 445 16.45 6.33 -10.66
CA GLN A 445 15.13 6.20 -10.04
C GLN A 445 14.40 4.98 -10.59
N ALA A 446 14.82 3.81 -10.12
CA ALA A 446 14.27 2.54 -10.58
C ALA A 446 14.17 1.55 -9.42
N GLY A 447 13.11 0.74 -9.44
CA GLY A 447 12.88 -0.28 -8.39
C GLY A 447 13.88 -1.43 -8.39
N THR A 448 14.48 -1.65 -9.55
CA THR A 448 15.60 -2.57 -9.72
C THR A 448 16.72 -1.80 -10.45
N VAL A 449 17.96 -1.95 -10.00
CA VAL A 449 19.12 -1.41 -10.73
C VAL A 449 20.16 -2.52 -10.96
N TRP A 450 20.36 -2.94 -12.21
CA TRP A 450 21.38 -3.94 -12.49
C TRP A 450 22.76 -3.32 -12.71
N VAL A 451 23.81 -4.08 -12.44
CA VAL A 451 25.18 -3.66 -12.77
C VAL A 451 25.89 -4.76 -13.57
N ASN A 452 26.34 -4.42 -14.78
CA ASN A 452 26.95 -5.39 -15.71
C ASN A 452 26.11 -6.64 -15.91
N THR A 453 24.80 -6.46 -15.95
CA THR A 453 23.89 -7.54 -16.30
C THR A 453 22.50 -6.96 -16.52
N TYR A 454 21.55 -7.81 -16.91
CA TYR A 454 20.20 -7.34 -17.21
C TYR A 454 19.17 -8.47 -17.11
N ASN A 455 17.95 -8.13 -16.69
CA ASN A 455 16.80 -9.07 -16.62
C ASN A 455 17.02 -10.22 -15.61
N ILE A 456 17.88 -9.96 -14.61
CA ILE A 456 18.10 -10.90 -13.51
C ILE A 456 17.05 -10.62 -12.41
N VAL A 457 15.99 -11.43 -12.44
CA VAL A 457 14.90 -11.40 -11.47
C VAL A 457 14.62 -12.84 -11.11
N THR A 458 14.90 -13.20 -9.86
CA THR A 458 14.58 -14.52 -9.31
C THR A 458 13.56 -14.33 -8.19
N CYS A 459 13.09 -15.44 -7.64
CA CYS A 459 12.18 -15.45 -6.48
C CYS A 459 12.72 -14.65 -5.27
N HIS A 460 14.05 -14.57 -5.15
CA HIS A 460 14.71 -13.93 -3.99
C HIS A 460 14.61 -12.41 -4.02
N THR A 461 14.56 -11.85 -5.24
CA THR A 461 14.84 -10.44 -5.50
C THR A 461 13.55 -9.64 -5.62
N PRO A 462 13.30 -8.69 -4.69
CA PRO A 462 12.09 -7.88 -4.83
C PRO A 462 12.06 -7.08 -6.15
N PHE A 463 10.85 -6.94 -6.68
CA PHE A 463 10.62 -6.38 -8.00
C PHE A 463 9.38 -5.50 -7.97
N GLY A 464 9.50 -4.26 -8.43
CA GLY A 464 8.34 -3.36 -8.50
C GLY A 464 8.78 -1.98 -8.94
N GLY A 465 7.82 -1.10 -9.23
CA GLY A 465 8.14 0.20 -9.81
C GLY A 465 8.25 1.39 -8.88
N PHE A 466 9.18 2.30 -9.21
CA PHE A 466 9.12 3.69 -8.78
C PHE A 466 8.10 4.42 -9.69
N LYS A 467 7.60 5.56 -9.21
CA LYS A 467 6.67 6.41 -9.97
C LYS A 467 5.47 5.60 -10.53
N GLU A 468 5.08 5.85 -11.78
CA GLU A 468 3.90 5.21 -12.36
C GLU A 468 4.16 3.78 -12.88
N SER A 469 5.35 3.22 -12.64
CA SER A 469 5.62 1.80 -12.95
C SER A 469 5.12 0.82 -11.88
N GLY A 470 4.73 1.34 -10.70
CA GLY A 470 4.05 0.51 -9.70
C GLY A 470 3.77 1.09 -8.32
N ASN A 471 3.06 0.29 -7.53
CA ASN A 471 2.80 0.52 -6.11
C ASN A 471 3.15 -0.80 -5.45
N GLY A 472 4.16 -0.81 -4.58
CA GLY A 472 4.54 -2.02 -3.87
C GLY A 472 5.42 -2.98 -4.65
N ARG A 473 5.75 -4.10 -4.02
CA ARG A 473 6.81 -5.00 -4.46
C ARG A 473 6.36 -6.46 -4.43
N GLU A 474 6.84 -7.22 -5.41
CA GLU A 474 6.59 -8.64 -5.53
C GLU A 474 7.90 -9.37 -5.38
N LEU A 475 7.81 -10.66 -5.06
CA LEU A 475 8.96 -11.53 -4.82
C LEU A 475 9.80 -11.16 -3.58
N GLY A 476 10.69 -12.08 -3.20
CA GLY A 476 11.52 -11.95 -2.00
C GLY A 476 10.70 -11.89 -0.74
N GLU A 477 11.35 -11.54 0.36
CA GLU A 477 10.65 -11.38 1.63
C GLU A 477 9.71 -10.21 1.56
N ASP A 478 10.18 -9.13 0.96
CA ASP A 478 9.36 -7.93 0.77
C ASP A 478 8.06 -8.21 0.00
N GLY A 479 8.09 -9.21 -0.87
CA GLY A 479 6.87 -9.71 -1.55
C GLY A 479 5.74 -10.22 -0.68
N LEU A 480 6.04 -10.58 0.55
CA LEU A 480 5.03 -11.07 1.47
C LEU A 480 4.20 -9.97 2.14
N LYS A 481 4.71 -8.73 2.16
CA LYS A 481 4.05 -7.65 2.92
C LYS A 481 2.66 -7.30 2.39
N ALA A 482 2.51 -7.26 1.06
CA ALA A 482 1.22 -7.03 0.39
C ALA A 482 0.11 -7.98 0.79
N TYR A 483 0.44 -9.24 1.02
CA TYR A 483 -0.55 -10.26 1.34
C TYR A 483 -0.78 -10.44 2.85
N THR A 484 -0.40 -9.43 3.63
CA THR A 484 -0.38 -9.51 5.09
C THR A 484 -1.13 -8.35 5.68
N GLU A 485 -2.08 -8.65 6.57
CA GLU A 485 -2.78 -7.63 7.36
C GLU A 485 -2.30 -7.73 8.80
N VAL A 486 -1.65 -6.68 9.28
CA VAL A 486 -1.08 -6.68 10.63
C VAL A 486 -2.17 -6.36 11.64
N LYS A 487 -2.27 -7.21 12.66
CA LYS A 487 -3.07 -6.99 13.85
C LYS A 487 -2.15 -6.83 15.07
N THR A 488 -2.35 -5.75 15.82
CA THR A 488 -1.60 -5.49 17.05
C THR A 488 -2.47 -5.96 18.20
N VAL A 489 -1.92 -6.84 19.04
CA VAL A 489 -2.60 -7.28 20.29
C VAL A 489 -1.91 -6.66 21.49
N THR A 490 -2.69 -6.07 22.39
CA THR A 490 -2.17 -5.35 23.56
C THR A 490 -2.92 -5.81 24.81
N ILE A 491 -2.22 -6.57 25.65
CA ILE A 491 -2.82 -7.26 26.80
C ILE A 491 -2.32 -6.63 28.09
N LYS A 492 -3.26 -6.24 28.97
CA LYS A 492 -2.96 -5.81 30.34
C LYS A 492 -2.40 -6.98 31.16
N VAL A 493 -1.22 -6.79 31.74
CA VAL A 493 -0.55 -7.84 32.55
C VAL A 493 -0.42 -7.38 34.01
N PRO A 494 -0.30 -8.33 34.97
CA PRO A 494 -0.21 -7.91 36.38
C PRO A 494 1.03 -7.07 36.67
N GLN A 495 2.18 -7.52 36.23
CA GLN A 495 3.39 -6.67 36.23
C GLN A 495 4.26 -6.98 35.03
N LYS A 496 5.17 -6.07 34.73
CA LYS A 496 5.96 -6.11 33.50
C LYS A 496 7.43 -6.04 33.89
N ASN A 497 8.19 -7.05 33.49
CA ASN A 497 9.63 -7.07 33.70
C ASN A 497 10.35 -7.26 32.39
N SER A 498 11.58 -6.75 32.32
CA SER A 498 12.42 -6.95 31.14
C SER A 498 12.70 -8.44 30.92
N LEU B 6 0.96 18.18 37.23
CA LEU B 6 -0.19 19.08 37.59
C LEU B 6 0.19 20.59 37.55
N PRO B 7 0.75 21.07 36.40
CA PRO B 7 1.10 22.49 36.34
C PRO B 7 -0.11 23.42 36.13
N SER B 8 0.18 24.71 36.05
CA SER B 8 -0.85 25.73 35.96
C SER B 8 -0.98 26.17 34.49
N PRO B 9 -2.20 26.09 33.90
CA PRO B 9 -2.35 26.48 32.49
C PRO B 9 -2.26 27.98 32.24
N ILE B 10 -1.75 28.35 31.06
CA ILE B 10 -1.76 29.74 30.58
C ILE B 10 -3.16 29.99 30.01
N LEU B 11 -3.97 30.77 30.73
CA LEU B 11 -5.42 30.84 30.48
C LEU B 11 -5.81 31.56 29.17
N ASN B 12 -5.00 32.54 28.73
CA ASN B 12 -5.16 33.10 27.37
C ASN B 12 -3.83 33.68 26.85
N PRO B 13 -3.16 32.97 25.91
CA PRO B 13 -1.79 33.33 25.55
C PRO B 13 -1.64 34.09 24.23
N ASP B 14 -0.43 34.58 24.01
CA ASP B 14 -0.03 35.20 22.75
C ASP B 14 0.08 34.13 21.66
N ILE B 15 -0.52 34.37 20.50
CA ILE B 15 -0.55 33.41 19.39
C ILE B 15 0.13 34.09 18.18
N PRO B 16 1.47 34.18 18.22
CA PRO B 16 2.18 34.86 17.11
C PRO B 16 2.00 34.24 15.74
N TYR B 17 1.74 32.93 15.68
CA TYR B 17 1.73 32.20 14.42
C TYR B 17 0.32 31.92 13.90
N ASN B 18 0.01 32.51 12.73
CA ASN B 18 -1.30 32.39 12.06
C ASN B 18 -1.26 32.44 10.51
N GLN B 19 -0.14 32.01 9.92
CA GLN B 19 0.08 32.04 8.46
C GLN B 19 0.60 30.68 7.95
N LEU B 20 0.80 30.57 6.64
CA LEU B 20 1.43 29.37 6.05
C LEU B 20 2.92 29.28 6.39
N PHE B 21 3.41 28.06 6.58
CA PHE B 21 4.83 27.78 6.80
C PHE B 21 5.34 27.05 5.57
N ILE B 22 6.08 27.78 4.72
CA ILE B 22 6.63 27.24 3.48
C ILE B 22 8.09 27.69 3.33
N ASN B 23 8.95 26.73 2.97
CA ASN B 23 10.37 26.98 2.81
C ASN B 23 10.99 27.68 4.02
N ASN B 24 10.53 27.28 5.20
CA ASN B 24 10.99 27.79 6.51
C ASN B 24 10.77 29.30 6.73
N GLU B 25 9.72 29.85 6.11
CA GLU B 25 9.31 31.25 6.32
C GLU B 25 7.78 31.42 6.31
N TRP B 26 7.31 32.38 7.10
CA TRP B 26 5.89 32.64 7.28
C TRP B 26 5.41 33.56 6.18
N GLN B 27 4.29 33.22 5.56
CA GLN B 27 3.74 34.02 4.48
C GLN B 27 2.26 33.70 4.27
N ASP B 28 1.53 34.68 3.72
CA ASP B 28 0.08 34.56 3.51
C ASP B 28 -0.23 33.67 2.32
N ALA B 29 -1.53 33.40 2.13
CA ALA B 29 -2.01 32.76 0.92
C ALA B 29 -1.88 33.72 -0.28
N VAL B 30 -1.63 33.17 -1.47
CA VAL B 30 -1.64 33.94 -2.73
C VAL B 30 -2.78 34.97 -2.78
N SER B 31 -3.99 34.51 -2.45
CA SER B 31 -5.21 35.32 -2.45
C SER B 31 -5.33 36.28 -1.28
N LYS B 32 -4.52 36.09 -0.24
CA LYS B 32 -4.50 36.95 0.96
C LYS B 32 -5.67 36.66 1.91
N LYS B 33 -6.43 35.59 1.64
CA LYS B 33 -7.61 35.29 2.43
C LYS B 33 -7.24 34.69 3.77
N THR B 34 -8.19 34.71 4.69
CA THR B 34 -8.05 34.08 5.98
C THR B 34 -9.37 33.34 6.28
N PHE B 35 -9.46 32.73 7.47
CA PHE B 35 -10.70 32.14 7.98
C PHE B 35 -10.68 32.08 9.53
N PRO B 36 -11.87 32.06 10.17
CA PRO B 36 -11.90 32.11 11.63
C PRO B 36 -11.69 30.73 12.28
N THR B 37 -11.00 30.69 13.42
CA THR B 37 -11.04 29.52 14.31
C THR B 37 -11.68 29.88 15.67
N VAL B 38 -12.56 29.01 16.12
CA VAL B 38 -13.41 29.20 17.30
C VAL B 38 -12.79 28.56 18.54
N ASN B 39 -13.12 29.12 19.71
CA ASN B 39 -12.90 28.49 21.01
C ASN B 39 -14.22 27.81 21.38
N PRO B 40 -14.25 26.46 21.41
CA PRO B 40 -15.54 25.77 21.59
C PRO B 40 -16.20 25.92 22.96
N THR B 41 -15.43 26.28 24.00
CA THR B 41 -15.98 26.48 25.36
C THR B 41 -16.81 27.77 25.46
N THR B 42 -16.24 28.85 24.94
CA THR B 42 -16.88 30.18 24.92
C THR B 42 -17.75 30.40 23.67
N GLY B 43 -17.46 29.68 22.60
CA GLY B 43 -18.16 29.86 21.33
C GLY B 43 -17.64 31.01 20.46
N GLU B 44 -16.67 31.78 20.96
CA GLU B 44 -16.18 33.01 20.31
C GLU B 44 -14.96 32.75 19.46
N VAL B 45 -14.79 33.58 18.43
CA VAL B 45 -13.66 33.49 17.49
C VAL B 45 -12.34 33.90 18.18
N ILE B 46 -11.36 33.00 18.15
CA ILE B 46 -10.02 33.24 18.75
C ILE B 46 -9.19 34.18 17.91
N GLY B 47 -9.24 33.98 16.59
CA GLY B 47 -8.41 34.72 15.66
C GLY B 47 -8.44 34.10 14.28
N HIS B 48 -7.90 34.83 13.31
CA HIS B 48 -7.92 34.44 11.90
C HIS B 48 -6.58 33.87 11.46
N VAL B 49 -6.64 32.94 10.51
CA VAL B 49 -5.52 32.11 10.07
C VAL B 49 -5.55 32.05 8.53
N ALA B 50 -4.39 32.01 7.88
CA ALA B 50 -4.34 32.04 6.41
C ALA B 50 -5.10 30.88 5.75
N GLU B 51 -5.92 31.18 4.75
CA GLU B 51 -6.71 30.17 4.02
C GLU B 51 -5.97 29.70 2.77
N GLY B 52 -5.38 28.51 2.85
CA GLY B 52 -4.62 27.94 1.75
C GLY B 52 -5.53 27.42 0.64
N ASP B 53 -4.95 27.33 -0.56
CA ASP B 53 -5.62 26.76 -1.74
C ASP B 53 -4.53 26.26 -2.70
N ARG B 54 -4.96 25.72 -3.85
CA ARG B 54 -4.09 25.04 -4.82
C ARG B 54 -2.77 25.75 -5.15
N ALA B 55 -2.77 27.06 -5.33
CA ALA B 55 -1.54 27.82 -5.66
C ALA B 55 -0.52 27.79 -4.51
N ASP B 56 -1.03 27.85 -3.28
CA ASP B 56 -0.19 27.78 -2.09
C ASP B 56 0.44 26.41 -1.95
N VAL B 57 -0.34 25.37 -2.25
CA VAL B 57 0.14 23.99 -2.26
C VAL B 57 1.29 23.85 -3.27
N ASP B 58 1.06 24.30 -4.51
CA ASP B 58 2.11 24.29 -5.57
C ASP B 58 3.43 24.86 -5.10
N ARG B 59 3.36 25.93 -4.33
CA ARG B 59 4.53 26.58 -3.73
C ARG B 59 5.22 25.61 -2.76
N ALA B 60 4.43 25.03 -1.85
CA ALA B 60 4.94 24.11 -0.84
C ALA B 60 5.58 22.87 -1.45
N VAL B 61 4.93 22.32 -2.48
CA VAL B 61 5.45 21.14 -3.17
C VAL B 61 6.81 21.45 -3.85
N LYS B 62 6.96 22.61 -4.48
CA LYS B 62 8.24 23.00 -5.10
C LYS B 62 9.32 23.19 -4.03
N ALA B 63 8.96 23.79 -2.90
CA ALA B 63 9.86 23.91 -1.76
C ALA B 63 10.31 22.51 -1.29
N ALA B 64 9.32 21.63 -1.09
CA ALA B 64 9.55 20.25 -0.66
C ALA B 64 10.39 19.47 -1.64
N ARG B 65 10.02 19.56 -2.92
CA ARG B 65 10.74 18.90 -4.00
C ARG B 65 12.20 19.33 -4.08
N GLU B 66 12.46 20.60 -3.80
CA GLU B 66 13.82 21.13 -3.85
C GLU B 66 14.70 20.63 -2.70
N ALA B 67 14.14 20.64 -1.49
CA ALA B 67 14.81 20.05 -0.32
C ALA B 67 15.10 18.54 -0.45
N PHE B 68 14.35 17.85 -1.32
CA PHE B 68 14.57 16.43 -1.66
C PHE B 68 15.45 16.21 -2.92
N ARG B 69 16.00 17.26 -3.53
CA ARG B 69 16.87 17.10 -4.71
C ARG B 69 18.09 16.23 -4.36
N LEU B 70 18.40 15.26 -5.22
CA LEU B 70 19.64 14.48 -5.10
C LEU B 70 20.83 15.44 -4.98
N GLY B 71 21.54 15.40 -3.86
CA GLY B 71 22.57 16.38 -3.53
C GLY B 71 22.18 17.37 -2.45
N SER B 72 20.89 17.41 -2.08
CA SER B 72 20.36 18.40 -1.11
C SER B 72 20.99 18.25 0.30
N PRO B 73 21.08 19.36 1.08
CA PRO B 73 21.48 19.24 2.50
C PRO B 73 20.80 18.06 3.23
N TRP B 74 19.49 17.94 3.04
CA TRP B 74 18.65 16.93 3.71
C TRP B 74 18.94 15.52 3.23
N ARG B 75 19.26 15.36 1.93
CA ARG B 75 19.61 14.05 1.34
C ARG B 75 21.04 13.59 1.63
N ARG B 76 21.98 14.54 1.63
CA ARG B 76 23.40 14.24 1.84
C ARG B 76 23.67 13.87 3.29
N MET B 77 23.08 14.67 4.18
CA MET B 77 23.11 14.51 5.64
C MET B 77 23.07 13.05 6.15
N ASP B 78 23.71 12.81 7.28
CA ASP B 78 23.67 11.48 7.91
C ASP B 78 22.29 11.15 8.47
N ALA B 79 21.90 9.89 8.35
CA ALA B 79 20.66 9.44 8.94
C ALA B 79 20.65 9.71 10.45
N SER B 80 21.81 9.68 11.09
CA SER B 80 21.90 9.97 12.53
C SER B 80 21.68 11.44 12.83
N GLU B 81 22.05 12.32 11.90
CA GLU B 81 21.78 13.77 12.04
C GLU B 81 20.26 14.06 11.95
N ARG B 82 19.55 13.32 11.10
CA ARG B 82 18.09 13.40 11.01
C ARG B 82 17.42 13.03 12.32
N GLY B 83 17.97 12.01 12.98
CA GLY B 83 17.55 11.63 14.32
C GLY B 83 17.75 12.72 15.34
N ARG B 84 18.98 13.25 15.41
CA ARG B 84 19.32 14.34 16.37
C ARG B 84 18.39 15.55 16.24
N LEU B 85 17.99 15.87 15.00
CA LEU B 85 16.99 16.92 14.72
C LEU B 85 15.62 16.61 15.29
N LEU B 86 15.19 15.36 15.13
CA LEU B 86 13.92 14.89 15.73
C LEU B 86 14.01 14.89 17.27
N ASN B 87 15.22 14.68 17.77
CA ASN B 87 15.49 14.68 19.20
C ASN B 87 15.49 16.11 19.75
N ARG B 88 16.14 17.03 19.03
CA ARG B 88 16.15 18.46 19.39
C ARG B 88 14.74 18.95 19.43
N LEU B 89 14.03 18.72 18.34
CA LEU B 89 12.61 19.04 18.22
C LEU B 89 11.81 18.60 19.45
N ALA B 90 12.12 17.42 19.98
CA ALA B 90 11.42 16.89 21.14
C ALA B 90 11.80 17.62 22.42
N ASP B 91 13.10 17.95 22.57
CA ASP B 91 13.58 18.83 23.65
C ASP B 91 12.75 20.13 23.69
N LEU B 92 12.55 20.72 22.50
CA LEU B 92 11.84 22.00 22.35
C LEU B 92 10.34 21.89 22.67
N VAL B 93 9.72 20.80 22.25
CA VAL B 93 8.33 20.53 22.60
C VAL B 93 8.17 20.45 24.14
N GLU B 94 9.13 19.81 24.82
CA GLU B 94 9.06 19.67 26.28
C GLU B 94 9.31 21.01 27.00
N ARG B 95 10.19 21.83 26.42
CA ARG B 95 10.43 23.19 26.92
C ARG B 95 9.18 24.07 26.85
N ASP B 96 8.43 23.98 25.75
CA ASP B 96 7.21 24.78 25.57
C ASP B 96 5.94 23.97 25.79
N ARG B 97 6.01 22.98 26.69
CA ARG B 97 4.90 22.06 26.90
C ARG B 97 3.63 22.74 27.43
N VAL B 98 3.79 23.68 28.36
CA VAL B 98 2.64 24.31 29.02
C VAL B 98 1.94 25.27 28.05
N TYR B 99 2.71 25.91 27.19
CA TYR B 99 2.13 26.75 26.15
C TYR B 99 1.28 25.91 25.17
N LEU B 100 1.92 24.87 24.62
CA LEU B 100 1.31 23.95 23.63
C LEU B 100 0.06 23.22 24.11
N ALA B 101 0.11 22.71 25.35
CA ALA B 101 -1.03 22.02 25.97
C ALA B 101 -2.19 22.99 26.27
N SER B 102 -1.86 24.27 26.49
CA SER B 102 -2.86 25.33 26.70
C SER B 102 -3.50 25.73 25.38
N LEU B 103 -2.66 25.96 24.38
CA LEU B 103 -3.12 26.28 23.02
C LEU B 103 -3.94 25.16 22.36
N GLU B 104 -3.67 23.91 22.74
CA GLU B 104 -4.46 22.76 22.27
C GLU B 104 -5.87 22.81 22.88
N THR B 105 -5.95 22.96 24.20
CA THR B 105 -7.22 23.11 24.95
C THR B 105 -8.06 24.31 24.49
N LEU B 106 -7.40 25.43 24.20
CA LEU B 106 -8.04 26.62 23.66
C LEU B 106 -8.79 26.33 22.35
N ASP B 107 -8.08 25.72 21.40
CA ASP B 107 -8.56 25.55 20.01
C ASP B 107 -9.43 24.31 19.77
N ASN B 108 -9.13 23.22 20.49
CA ASN B 108 -9.84 21.92 20.38
C ASN B 108 -10.94 21.73 21.43
N GLY B 109 -10.71 22.29 22.62
CA GLY B 109 -11.66 22.19 23.73
C GLY B 109 -11.40 21.05 24.73
N LYS B 110 -10.40 20.20 24.47
CA LYS B 110 -10.15 19.06 25.37
C LYS B 110 -9.62 19.56 26.73
N PRO B 111 -9.92 18.81 27.83
CA PRO B 111 -9.40 19.09 29.18
C PRO B 111 -7.88 19.34 29.22
N PHE B 112 -7.45 20.30 30.04
CA PHE B 112 -6.03 20.61 30.13
C PHE B 112 -5.21 19.50 30.82
N GLN B 113 -5.84 18.74 31.71
CA GLN B 113 -5.22 17.52 32.25
C GLN B 113 -4.92 16.49 31.15
N GLU B 114 -5.82 16.30 30.18
CA GLU B 114 -5.55 15.48 28.99
C GLU B 114 -4.37 16.08 28.21
N SER B 115 -4.62 17.23 27.56
CA SER B 115 -3.63 17.96 26.75
C SER B 115 -2.20 17.89 27.25
N TYR B 116 -2.03 18.18 28.53
CA TYR B 116 -0.73 18.23 29.15
C TYR B 116 -0.21 16.81 29.43
N ALA B 117 -0.96 16.04 30.22
CA ALA B 117 -0.48 14.75 30.69
C ALA B 117 -0.41 13.68 29.59
N LEU B 118 -1.49 13.53 28.83
CA LEU B 118 -1.59 12.45 27.86
C LEU B 118 -1.10 12.85 26.48
N ASP B 119 -1.74 13.87 25.89
CA ASP B 119 -1.45 14.31 24.51
C ASP B 119 0.00 14.76 24.33
N LEU B 120 0.42 15.81 25.04
CA LEU B 120 1.78 16.33 24.89
C LEU B 120 2.88 15.32 25.24
N ASP B 121 2.61 14.42 26.19
CA ASP B 121 3.56 13.33 26.47
C ASP B 121 3.74 12.43 25.24
N GLU B 122 2.63 11.98 24.63
CA GLU B 122 2.65 11.18 23.40
C GLU B 122 3.26 11.91 22.21
N VAL B 123 3.17 13.24 22.19
CA VAL B 123 3.85 14.05 21.17
C VAL B 123 5.37 13.98 21.35
N ILE B 124 5.83 14.09 22.60
CA ILE B 124 7.26 14.06 22.88
C ILE B 124 7.85 12.68 22.53
N LYS B 125 7.14 11.62 22.90
CA LYS B 125 7.65 10.23 22.76
C LYS B 125 7.67 9.70 21.34
N VAL B 126 6.78 10.20 20.47
CA VAL B 126 6.76 9.79 19.08
C VAL B 126 7.96 10.40 18.33
N TYR B 127 8.25 11.68 18.59
CA TYR B 127 9.41 12.33 17.97
C TYR B 127 10.71 11.68 18.47
N ARG B 128 10.75 11.36 19.77
CA ARG B 128 11.91 10.69 20.35
C ARG B 128 12.04 9.23 19.88
N TYR B 129 10.91 8.52 19.81
CA TYR B 129 10.91 7.13 19.34
C TYR B 129 11.48 7.04 17.93
N PHE B 130 10.94 7.85 17.02
CA PHE B 130 11.33 7.74 15.62
C PHE B 130 12.69 8.33 15.35
N ALA B 131 13.08 9.33 16.13
CA ALA B 131 14.47 9.81 16.11
C ALA B 131 15.44 8.61 16.13
N GLY B 132 15.25 7.72 17.11
CA GLY B 132 16.03 6.50 17.28
C GLY B 132 16.00 5.57 16.07
N TRP B 133 14.83 5.45 15.42
CA TRP B 133 14.69 4.64 14.18
C TRP B 133 15.47 5.10 12.93
N ALA B 134 15.84 6.38 12.87
CA ALA B 134 16.42 6.98 11.67
C ALA B 134 17.61 6.24 11.08
N ASP B 135 18.59 5.92 11.93
CA ASP B 135 19.81 5.19 11.52
C ASP B 135 19.79 3.66 11.77
N LYS B 136 18.60 3.10 11.99
CA LYS B 136 18.42 1.68 12.31
C LYS B 136 17.55 0.90 11.32
N TRP B 137 17.11 1.58 10.28
CA TRP B 137 16.17 1.02 9.31
C TRP B 137 17.08 0.42 8.25
N HIS B 138 17.06 -0.91 8.11
CA HIS B 138 18.07 -1.61 7.33
C HIS B 138 17.48 -2.26 6.11
N GLY B 139 18.22 -2.27 5.03
CA GLY B 139 17.88 -3.14 3.91
C GLY B 139 18.55 -4.48 4.10
N LYS B 140 18.51 -5.28 3.04
CA LYS B 140 18.94 -6.67 3.07
C LYS B 140 20.09 -6.92 2.12
N THR B 141 20.89 -7.93 2.43
CA THR B 141 21.75 -8.58 1.45
C THR B 141 21.13 -9.96 1.24
N ILE B 142 21.11 -10.42 0.01
CA ILE B 142 20.25 -11.52 -0.38
C ILE B 142 21.06 -12.57 -1.12
N PRO B 143 21.13 -13.81 -0.59
CA PRO B 143 21.90 -14.87 -1.26
C PRO B 143 21.15 -15.47 -2.48
N MET B 144 20.91 -14.64 -3.49
CA MET B 144 20.13 -15.05 -4.66
C MET B 144 20.92 -15.99 -5.58
N ASP B 145 20.23 -16.58 -6.54
CA ASP B 145 20.85 -17.49 -7.51
C ASP B 145 21.82 -16.75 -8.41
N GLY B 146 22.72 -17.50 -9.05
CA GLY B 146 23.63 -16.94 -10.06
C GLY B 146 24.81 -16.16 -9.50
N GLN B 147 25.64 -15.65 -10.42
CA GLN B 147 26.89 -14.97 -10.07
C GLN B 147 26.61 -13.53 -9.72
N HIS B 148 25.93 -13.32 -8.60
CA HIS B 148 25.34 -12.01 -8.28
C HIS B 148 25.54 -11.60 -6.83
N PHE B 149 25.84 -10.34 -6.59
CA PHE B 149 25.68 -9.76 -5.26
C PHE B 149 24.39 -8.95 -5.31
N CYS B 150 23.42 -9.29 -4.47
CA CYS B 150 22.13 -8.60 -4.45
C CYS B 150 21.88 -7.91 -3.12
N PHE B 151 21.43 -6.67 -3.16
CA PHE B 151 21.02 -6.00 -1.91
C PHE B 151 19.84 -5.07 -2.14
N THR B 152 19.14 -4.74 -1.05
CA THR B 152 18.09 -3.74 -1.09
C THR B 152 18.55 -2.47 -0.38
N ARG B 153 18.22 -1.34 -0.99
CA ARG B 153 18.28 -0.03 -0.36
C ARG B 153 16.88 0.40 0.08
N HIS B 154 16.80 0.94 1.30
CA HIS B 154 15.57 1.56 1.82
C HIS B 154 15.67 3.06 1.62
N GLU B 155 15.23 3.53 0.45
CA GLU B 155 15.20 4.96 0.12
C GLU B 155 13.91 5.59 0.63
N PRO B 156 13.89 6.92 0.83
CA PRO B 156 12.62 7.62 1.09
C PRO B 156 11.71 7.59 -0.14
N VAL B 157 10.41 7.71 0.08
CA VAL B 157 9.43 7.67 -1.01
C VAL B 157 9.40 9.04 -1.71
N GLY B 158 9.49 10.13 -0.95
CA GLY B 158 9.84 11.46 -1.49
C GLY B 158 9.07 12.63 -0.90
N VAL B 159 8.37 13.37 -1.77
CA VAL B 159 7.48 14.43 -1.32
C VAL B 159 6.22 13.73 -0.83
N CYS B 160 6.02 13.77 0.49
CA CYS B 160 4.89 13.15 1.15
C CYS B 160 3.86 14.18 1.53
N GLY B 161 2.69 14.10 0.91
CA GLY B 161 1.54 14.90 1.30
C GLY B 161 0.94 14.26 2.53
N GLN B 162 0.52 15.09 3.48
CA GLN B 162 -0.02 14.60 4.75
C GLN B 162 -1.20 15.44 5.19
N ILE B 163 -2.32 14.77 5.47
CA ILE B 163 -3.58 15.45 5.83
C ILE B 163 -4.08 14.85 7.14
N ILE B 164 -4.35 15.70 8.13
CA ILE B 164 -4.75 15.25 9.49
C ILE B 164 -6.08 15.87 9.98
N PRO B 165 -6.75 15.21 10.94
CA PRO B 165 -8.00 15.71 11.44
C PRO B 165 -7.78 16.62 12.65
N TRP B 166 -8.87 16.97 13.33
CA TRP B 166 -8.87 17.98 14.40
C TRP B 166 -8.83 17.40 15.80
N ASN B 167 -9.06 16.09 15.95
CA ASN B 167 -9.32 15.53 17.29
C ASN B 167 -8.12 15.38 18.22
N PHE B 168 -6.94 15.13 17.66
CA PHE B 168 -5.66 15.19 18.41
C PHE B 168 -4.64 15.96 17.55
N PRO B 169 -4.75 17.31 17.49
CA PRO B 169 -4.01 18.10 16.48
C PRO B 169 -2.50 17.92 16.46
N LEU B 170 -1.87 17.87 17.63
CA LEU B 170 -0.40 17.75 17.75
C LEU B 170 0.10 16.30 17.67
N VAL B 171 -0.69 15.40 18.27
CA VAL B 171 -0.45 13.95 18.23
C VAL B 171 -0.47 13.47 16.77
N MET B 172 -1.59 13.72 16.10
CA MET B 172 -1.76 13.32 14.71
C MET B 172 -0.67 13.91 13.82
N GLN B 173 -0.23 15.13 14.13
CA GLN B 173 0.87 15.74 13.40
C GLN B 173 2.16 14.94 13.61
N GLY B 174 2.43 14.55 14.85
CA GLY B 174 3.61 13.75 15.17
C GLY B 174 3.63 12.39 14.49
N TRP B 175 2.49 11.69 14.58
CA TRP B 175 2.28 10.39 13.90
C TRP B 175 2.68 10.44 12.41
N LYS B 176 2.47 11.59 11.80
CA LYS B 176 2.82 11.81 10.40
C LYS B 176 4.28 12.23 10.24
N LEU B 177 4.66 13.33 10.87
CA LEU B 177 5.99 13.93 10.63
C LEU B 177 7.14 13.06 11.11
N ALA B 178 6.98 12.50 12.31
CA ALA B 178 8.09 11.79 12.96
C ALA B 178 8.67 10.68 12.09
N PRO B 179 7.81 9.74 11.62
CA PRO B 179 8.33 8.64 10.79
C PRO B 179 8.78 9.04 9.36
N ALA B 180 8.03 9.94 8.73
CA ALA B 180 8.40 10.46 7.42
C ALA B 180 9.78 11.11 7.44
N LEU B 181 10.02 11.95 8.45
CA LEU B 181 11.31 12.61 8.59
C LEU B 181 12.46 11.64 8.93
N ALA B 182 12.20 10.69 9.81
CA ALA B 182 13.19 9.69 10.16
C ALA B 182 13.67 8.86 8.95
N THR B 183 12.76 8.56 8.03
CA THR B 183 13.13 7.81 6.82
C THR B 183 13.66 8.68 5.69
N GLY B 184 13.72 9.99 5.92
CA GLY B 184 14.43 10.91 5.04
C GLY B 184 13.57 11.65 4.05
N ASN B 185 12.25 11.63 4.24
CA ASN B 185 11.33 12.25 3.29
C ASN B 185 11.20 13.74 3.50
N THR B 186 10.44 14.37 2.59
CA THR B 186 9.98 15.75 2.73
C THR B 186 8.46 15.81 2.70
N VAL B 187 7.92 16.85 3.31
CA VAL B 187 6.53 16.89 3.74
C VAL B 187 5.80 18.19 3.40
N VAL B 188 4.65 18.03 2.77
CA VAL B 188 3.66 19.09 2.68
C VAL B 188 2.47 18.58 3.50
N MET B 189 2.19 19.26 4.63
CA MET B 189 1.14 18.84 5.53
C MET B 189 0.00 19.82 5.50
N LYS B 190 -1.23 19.29 5.41
CA LYS B 190 -2.46 20.09 5.55
C LYS B 190 -3.17 19.74 6.86
N VAL B 191 -3.17 20.66 7.81
CA VAL B 191 -3.80 20.44 9.12
C VAL B 191 -5.31 20.64 9.02
N ALA B 192 -6.04 20.33 10.08
CA ALA B 192 -7.50 20.55 10.07
C ALA B 192 -7.85 22.05 9.98
N GLU B 193 -9.07 22.36 9.57
CA GLU B 193 -9.53 23.77 9.47
C GLU B 193 -9.94 24.28 10.87
N GLN B 194 -10.58 23.41 11.64
CA GLN B 194 -10.60 23.52 13.10
C GLN B 194 -9.13 23.29 13.56
N THR B 195 -8.76 23.74 14.74
CA THR B 195 -7.46 23.38 15.37
C THR B 195 -6.13 23.65 14.61
N PRO B 196 -6.07 24.77 13.84
CA PRO B 196 -4.83 25.00 13.10
C PRO B 196 -3.64 25.62 13.88
N LEU B 197 -3.86 26.07 15.12
CA LEU B 197 -2.90 26.98 15.78
C LEU B 197 -1.69 26.29 16.39
N SER B 198 -1.97 25.18 17.07
CA SER B 198 -0.95 24.34 17.70
C SER B 198 0.11 23.89 16.70
N ALA B 199 -0.34 23.38 15.56
CA ALA B 199 0.54 22.90 14.49
C ALA B 199 1.44 23.97 13.88
N LEU B 200 1.01 25.23 13.92
CA LEU B 200 1.81 26.34 13.43
C LEU B 200 2.87 26.72 14.45
N TYR B 201 2.51 26.74 15.73
CA TYR B 201 3.53 26.97 16.74
C TYR B 201 4.63 25.90 16.65
N LEU B 202 4.25 24.64 16.45
CA LEU B 202 5.24 23.56 16.34
C LEU B 202 6.16 23.76 15.15
N ALA B 203 5.60 24.18 14.02
CA ALA B 203 6.37 24.51 12.84
C ALA B 203 7.51 25.49 13.14
N SER B 204 7.28 26.42 14.07
CA SER B 204 8.32 27.38 14.52
C SER B 204 9.50 26.66 15.19
N LEU B 205 9.18 25.67 16.01
CA LEU B 205 10.18 24.83 16.66
C LEU B 205 10.95 23.94 15.68
N ILE B 206 10.30 23.53 14.58
CA ILE B 206 10.99 22.78 13.51
C ILE B 206 12.07 23.65 12.87
N LYS B 207 11.78 24.94 12.68
CA LYS B 207 12.77 25.89 12.21
C LYS B 207 13.91 26.09 13.24
N GLU B 208 13.54 26.34 14.50
CA GLU B 208 14.50 26.55 15.60
C GLU B 208 15.43 25.35 15.84
N ALA B 209 14.89 24.16 15.61
CA ALA B 209 15.63 22.90 15.75
C ALA B 209 16.76 22.74 14.73
N GLY B 210 16.60 23.35 13.56
CA GLY B 210 17.61 23.34 12.51
C GLY B 210 17.27 22.50 11.28
N PHE B 211 16.00 22.13 11.09
CA PHE B 211 15.58 21.43 9.88
C PHE B 211 15.82 22.34 8.67
N PRO B 212 16.38 21.79 7.57
CA PRO B 212 16.56 22.62 6.38
C PRO B 212 15.25 23.18 5.79
N PRO B 213 15.34 24.29 5.03
CA PRO B 213 14.18 24.82 4.31
C PRO B 213 13.50 23.81 3.40
N GLY B 214 12.17 23.75 3.49
CA GLY B 214 11.37 22.93 2.59
C GLY B 214 11.17 21.46 2.98
N VAL B 215 11.87 21.01 4.02
CA VAL B 215 11.72 19.62 4.48
C VAL B 215 10.33 19.46 5.06
N VAL B 216 9.90 20.39 5.90
CA VAL B 216 8.50 20.43 6.36
C VAL B 216 7.87 21.76 5.95
N ASN B 217 6.66 21.63 5.38
CA ASN B 217 5.84 22.77 4.99
C ASN B 217 4.45 22.54 5.53
N ILE B 218 3.90 23.54 6.22
CA ILE B 218 2.57 23.43 6.77
C ILE B 218 1.60 24.43 6.14
N ILE B 219 0.37 23.95 5.96
CA ILE B 219 -0.67 24.66 5.25
C ILE B 219 -1.97 24.54 6.03
N THR B 220 -2.48 25.70 6.45
CA THR B 220 -3.82 25.87 6.98
C THR B 220 -4.78 26.13 5.82
N GLY B 221 -6.02 25.66 5.95
CA GLY B 221 -7.01 25.79 4.86
C GLY B 221 -8.06 24.71 4.89
N TYR B 222 -8.91 24.69 3.87
CA TYR B 222 -10.05 23.75 3.82
C TYR B 222 -9.68 22.46 3.09
N GLY B 223 -10.50 21.44 3.31
CA GLY B 223 -10.23 20.10 2.78
C GLY B 223 -10.44 20.01 1.30
N PRO B 224 -11.69 20.28 0.85
CA PRO B 224 -12.02 20.26 -0.58
C PRO B 224 -11.11 21.11 -1.51
N THR B 225 -10.43 22.12 -0.97
CA THR B 225 -9.48 22.93 -1.74
C THR B 225 -8.02 22.52 -1.49
N ALA B 226 -7.47 22.90 -0.32
CA ALA B 226 -6.04 22.66 -0.02
C ALA B 226 -5.71 21.19 0.03
N GLY B 227 -6.57 20.42 0.69
CA GLY B 227 -6.38 18.98 0.83
C GLY B 227 -6.39 18.26 -0.50
N ALA B 228 -7.43 18.50 -1.28
CA ALA B 228 -7.58 17.84 -2.57
C ALA B 228 -6.53 18.30 -3.59
N ALA B 229 -5.93 19.46 -3.38
CA ALA B 229 -4.81 19.88 -4.21
C ALA B 229 -3.63 18.93 -4.04
N ILE B 230 -3.35 18.56 -2.80
CA ILE B 230 -2.26 17.63 -2.44
C ILE B 230 -2.51 16.21 -2.97
N ALA B 231 -3.67 15.65 -2.63
CA ALA B 231 -4.09 14.31 -3.09
C ALA B 231 -4.15 14.14 -4.61
N GLN B 232 -4.26 15.25 -5.34
CA GLN B 232 -4.30 15.28 -6.81
C GLN B 232 -3.02 15.79 -7.51
N HIS B 233 -2.08 16.36 -6.76
CA HIS B 233 -0.86 16.92 -7.35
C HIS B 233 -0.09 15.84 -8.11
N MET B 234 0.50 16.23 -9.23
CA MET B 234 1.22 15.29 -10.10
C MET B 234 2.68 15.07 -9.68
N ASP B 235 3.14 15.85 -8.71
CA ASP B 235 4.51 15.88 -8.24
C ASP B 235 4.59 15.59 -6.72
N VAL B 236 3.53 14.96 -6.18
CA VAL B 236 3.52 14.45 -4.82
C VAL B 236 3.64 12.92 -4.94
N ASP B 237 4.65 12.35 -4.28
CA ASP B 237 4.98 10.93 -4.40
C ASP B 237 4.10 10.01 -3.56
N LYS B 238 3.66 10.52 -2.41
CA LYS B 238 2.91 9.75 -1.45
C LYS B 238 1.94 10.64 -0.72
N VAL B 239 0.71 10.16 -0.52
CA VAL B 239 -0.26 10.80 0.37
C VAL B 239 -0.51 9.90 1.58
N ALA B 240 -0.64 10.54 2.74
CA ALA B 240 -0.99 9.87 3.97
C ALA B 240 -2.13 10.68 4.55
N PHE B 241 -3.28 10.05 4.73
CA PHE B 241 -4.49 10.74 5.09
C PHE B 241 -5.04 10.12 6.36
N THR B 242 -5.25 10.97 7.37
CA THR B 242 -6.04 10.58 8.55
C THR B 242 -7.34 11.38 8.59
N GLY B 243 -8.47 10.67 8.60
CA GLY B 243 -9.78 11.29 8.59
C GLY B 243 -10.93 10.31 8.42
N SER B 244 -12.04 10.80 7.87
CA SER B 244 -13.29 10.03 7.75
C SER B 244 -13.17 9.02 6.62
N THR B 245 -13.89 7.91 6.79
CA THR B 245 -13.97 6.85 5.78
C THR B 245 -14.40 7.40 4.43
N GLU B 246 -15.38 8.31 4.42
CA GLU B 246 -15.91 8.90 3.16
C GLU B 246 -14.85 9.67 2.35
N VAL B 247 -14.06 10.46 3.05
CA VAL B 247 -12.98 11.22 2.42
C VAL B 247 -11.83 10.28 2.01
N GLY B 248 -11.58 9.25 2.81
CA GLY B 248 -10.66 8.19 2.41
C GLY B 248 -10.90 7.67 1.00
N HIS B 249 -12.16 7.34 0.67
CA HIS B 249 -12.58 6.91 -0.69
C HIS B 249 -12.16 7.92 -1.76
N LEU B 250 -12.36 9.20 -1.47
CA LEU B 250 -11.94 10.25 -2.39
C LEU B 250 -10.40 10.29 -2.57
N ILE B 251 -9.65 10.21 -1.47
CA ILE B 251 -8.18 10.26 -1.53
C ILE B 251 -7.62 9.16 -2.43
N GLN B 252 -8.07 7.92 -2.24
CA GLN B 252 -7.57 6.80 -3.05
C GLN B 252 -7.95 6.96 -4.53
N LYS B 253 -9.12 7.55 -4.80
CA LYS B 253 -9.50 7.88 -6.18
C LYS B 253 -8.62 8.97 -6.84
N ALA B 254 -8.32 10.04 -6.09
CA ALA B 254 -7.43 11.13 -6.54
C ALA B 254 -5.99 10.65 -6.86
N ALA B 255 -5.52 9.65 -6.13
CA ALA B 255 -4.22 9.01 -6.39
C ALA B 255 -4.25 8.29 -7.73
N GLY B 256 -5.25 7.46 -7.91
CA GLY B 256 -5.47 6.75 -9.16
C GLY B 256 -5.81 7.66 -10.32
N ASP B 257 -6.41 8.81 -10.02
CA ASP B 257 -6.77 9.80 -11.03
C ASP B 257 -5.58 10.69 -11.42
N SER B 258 -4.63 10.94 -10.51
CA SER B 258 -3.50 11.81 -10.82
C SER B 258 -2.27 11.03 -11.24
N ASN B 259 -1.41 10.66 -10.28
CA ASN B 259 -0.07 10.16 -10.60
C ASN B 259 0.31 8.79 -9.99
N LEU B 260 -0.69 8.05 -9.50
CA LEU B 260 -0.50 6.77 -8.80
C LEU B 260 0.39 6.85 -7.55
N LYS B 261 0.34 7.99 -6.88
CA LYS B 261 1.05 8.20 -5.61
C LYS B 261 0.65 7.12 -4.62
N ARG B 262 1.55 6.86 -3.67
CA ARG B 262 1.33 5.83 -2.65
C ARG B 262 0.38 6.38 -1.57
N VAL B 263 -0.47 5.50 -1.03
CA VAL B 263 -1.58 5.90 -0.19
C VAL B 263 -1.61 5.10 1.12
N THR B 264 -1.65 5.80 2.24
CA THR B 264 -2.08 5.18 3.49
C THR B 264 -3.30 5.94 3.98
N LEU B 265 -4.23 5.20 4.57
CA LEU B 265 -5.52 5.70 5.00
C LEU B 265 -5.76 5.26 6.42
N GLU B 266 -6.03 6.24 7.28
CA GLU B 266 -6.36 6.00 8.68
C GLU B 266 -7.74 6.63 8.91
N LEU B 267 -8.75 5.78 8.93
CA LEU B 267 -10.13 6.21 8.78
C LEU B 267 -10.94 5.97 10.05
N GLY B 268 -12.26 5.90 9.91
CA GLY B 268 -13.16 5.82 11.06
C GLY B 268 -13.26 4.45 11.67
N GLY B 269 -14.07 4.39 12.74
CA GLY B 269 -14.34 3.16 13.49
C GLY B 269 -15.74 3.14 14.10
N LYS B 270 -16.19 1.92 14.39
CA LYS B 270 -17.35 1.68 15.24
C LYS B 270 -16.95 0.52 16.17
N SER B 271 -15.89 0.78 16.93
CA SER B 271 -15.11 -0.26 17.64
C SER B 271 -15.86 -0.87 18.83
N PRO B 272 -15.97 -2.20 18.87
CA PRO B 272 -16.72 -2.85 19.96
C PRO B 272 -15.91 -3.07 21.23
N SER B 273 -16.55 -2.85 22.38
CA SER B 273 -16.05 -3.21 23.71
C SER B 273 -16.84 -4.44 24.15
N ILE B 274 -16.18 -5.58 24.37
CA ILE B 274 -16.88 -6.86 24.70
C ILE B 274 -16.58 -7.34 26.12
N VAL B 275 -17.61 -7.37 26.98
CA VAL B 275 -17.47 -7.75 28.39
C VAL B 275 -18.13 -9.12 28.63
N LEU B 276 -17.32 -10.12 28.92
CA LEU B 276 -17.80 -11.46 29.25
C LEU B 276 -18.24 -11.54 30.72
N ALA B 277 -18.89 -12.66 31.08
CA ALA B 277 -19.40 -12.93 32.44
C ALA B 277 -18.32 -12.86 33.52
N ASP B 278 -17.28 -13.69 33.34
CA ASP B 278 -16.15 -13.78 34.26
C ASP B 278 -15.21 -12.55 34.36
N ALA B 279 -15.51 -11.47 33.64
CA ALA B 279 -14.74 -10.24 33.75
C ALA B 279 -14.77 -9.63 35.14
N ASP B 280 -13.72 -8.89 35.46
CA ASP B 280 -13.72 -7.99 36.60
C ASP B 280 -14.75 -6.88 36.31
N MET B 281 -15.86 -6.91 37.05
CA MET B 281 -16.99 -6.00 36.84
C MET B 281 -16.62 -4.51 36.92
N GLU B 282 -16.02 -4.10 38.03
CA GLU B 282 -15.74 -2.67 38.27
C GLU B 282 -14.64 -2.15 37.36
N HIS B 283 -13.75 -3.05 36.93
CA HIS B 283 -12.67 -2.71 35.99
C HIS B 283 -13.18 -2.57 34.55
N ALA B 284 -14.09 -3.46 34.15
CA ALA B 284 -14.73 -3.39 32.82
C ALA B 284 -15.61 -2.15 32.66
N VAL B 285 -16.48 -1.89 33.63
CA VAL B 285 -17.31 -0.67 33.64
C VAL B 285 -16.46 0.60 33.53
N GLU B 286 -15.32 0.65 34.21
CA GLU B 286 -14.47 1.85 34.20
C GLU B 286 -13.77 2.03 32.86
N GLN B 287 -13.22 0.95 32.32
CA GLN B 287 -12.51 0.99 31.03
C GLN B 287 -13.47 1.24 29.85
N CYS B 288 -14.58 0.50 29.79
CA CYS B 288 -15.65 0.72 28.78
C CYS B 288 -16.29 2.09 28.84
N HIS B 289 -16.35 2.69 30.02
CA HIS B 289 -16.75 4.08 30.19
C HIS B 289 -15.71 5.00 29.55
N GLU B 290 -14.46 4.92 30.01
CA GLU B 290 -13.37 5.71 29.42
C GLU B 290 -13.15 5.43 27.91
N ALA B 291 -13.40 4.18 27.48
CA ALA B 291 -13.26 3.78 26.08
C ALA B 291 -14.02 4.75 25.16
N LEU B 292 -15.28 5.01 25.54
CA LEU B 292 -16.17 5.89 24.80
C LEU B 292 -15.92 7.37 25.10
N PHE B 293 -16.11 7.78 26.36
CA PHE B 293 -16.09 9.22 26.71
C PHE B 293 -14.71 9.89 26.69
N PHE B 294 -13.62 9.12 26.55
CA PHE B 294 -12.27 9.71 26.42
C PHE B 294 -12.23 10.65 25.22
N ASN B 295 -11.60 11.81 25.42
CA ASN B 295 -11.62 12.90 24.43
C ASN B 295 -13.03 13.28 23.97
N MET B 296 -13.99 13.20 24.90
CA MET B 296 -15.41 13.52 24.65
C MET B 296 -16.06 12.71 23.51
N GLY B 297 -15.63 11.45 23.35
CA GLY B 297 -16.10 10.59 22.23
C GLY B 297 -15.52 10.87 20.84
N GLN B 298 -14.57 11.79 20.75
CA GLN B 298 -14.02 12.24 19.47
C GLN B 298 -12.67 11.53 19.28
N CYS B 299 -12.70 10.20 19.36
CA CYS B 299 -11.53 9.36 19.19
C CYS B 299 -11.85 8.22 18.23
N CYS B 300 -11.03 8.13 17.18
CA CYS B 300 -11.23 7.16 16.09
C CYS B 300 -11.60 5.73 16.51
N CYS B 301 -10.92 5.22 17.54
CA CYS B 301 -11.12 3.85 18.01
C CYS B 301 -11.97 3.78 19.29
N ALA B 302 -12.72 4.84 19.59
CA ALA B 302 -13.57 4.88 20.77
C ALA B 302 -14.52 3.66 20.85
N GLY B 303 -14.72 3.16 22.08
CA GLY B 303 -15.57 2.00 22.35
C GLY B 303 -17.06 2.26 22.21
N SER B 304 -17.46 2.56 20.98
CA SER B 304 -18.78 3.10 20.70
C SER B 304 -19.87 2.03 20.54
N ARG B 305 -19.56 0.78 20.87
CA ARG B 305 -20.55 -0.31 20.95
C ARG B 305 -20.19 -1.26 22.09
N THR B 306 -20.74 -1.03 23.28
CA THR B 306 -20.46 -1.91 24.42
C THR B 306 -21.41 -3.14 24.46
N PHE B 307 -20.84 -4.31 24.17
CA PHE B 307 -21.54 -5.60 24.21
C PHE B 307 -21.26 -6.26 25.55
N VAL B 308 -22.30 -6.60 26.30
CA VAL B 308 -22.18 -7.12 27.67
C VAL B 308 -22.92 -8.46 27.77
N GLU B 309 -22.30 -9.44 28.43
CA GLU B 309 -22.91 -10.76 28.59
C GLU B 309 -24.22 -10.67 29.37
N GLU B 310 -25.17 -11.50 28.98
CA GLU B 310 -26.57 -11.46 29.45
C GLU B 310 -26.69 -11.50 30.96
N SER B 311 -26.00 -12.45 31.58
CA SER B 311 -26.03 -12.65 33.02
C SER B 311 -25.55 -11.46 33.86
N ILE B 312 -24.69 -10.59 33.30
CA ILE B 312 -24.17 -9.41 34.02
C ILE B 312 -24.67 -8.05 33.47
N TYR B 313 -25.68 -8.08 32.59
CA TYR B 313 -26.11 -6.89 31.84
C TYR B 313 -26.73 -5.78 32.71
N ASN B 314 -27.73 -6.15 33.52
CA ASN B 314 -28.38 -5.21 34.43
C ASN B 314 -27.38 -4.53 35.40
N GLU B 315 -26.48 -5.32 36.00
CA GLU B 315 -25.48 -4.75 36.91
C GLU B 315 -24.56 -3.80 36.15
N PHE B 316 -24.01 -4.27 35.03
CA PHE B 316 -23.16 -3.45 34.16
C PHE B 316 -23.84 -2.15 33.71
N LEU B 317 -25.13 -2.24 33.40
CA LEU B 317 -25.89 -1.08 32.95
C LEU B 317 -25.95 0.01 34.01
N GLU B 318 -26.40 -0.38 35.19
CA GLU B 318 -26.60 0.55 36.29
C GLU B 318 -25.32 1.31 36.66
N ARG B 319 -24.21 0.57 36.76
CA ARG B 319 -22.90 1.17 37.08
C ARG B 319 -22.42 2.11 35.96
N THR B 320 -22.64 1.71 34.71
CA THR B 320 -22.23 2.52 33.55
C THR B 320 -22.92 3.88 33.50
N VAL B 321 -24.21 3.87 33.84
CA VAL B 321 -24.99 5.10 33.90
C VAL B 321 -24.50 5.98 35.04
N GLU B 322 -24.32 5.39 36.22
CA GLU B 322 -23.78 6.13 37.36
C GLU B 322 -22.41 6.76 37.09
N LYS B 323 -21.54 6.05 36.37
CA LYS B 323 -20.24 6.61 35.95
C LYS B 323 -20.42 7.80 34.98
N ALA B 324 -21.44 7.75 34.12
CA ALA B 324 -21.73 8.87 33.19
C ALA B 324 -22.31 10.11 33.90
N LYS B 325 -23.28 9.89 34.78
CA LYS B 325 -23.81 10.93 35.67
C LYS B 325 -22.71 11.59 36.52
N GLN B 326 -21.78 10.78 37.01
CA GLN B 326 -20.62 11.27 37.77
C GLN B 326 -19.65 12.12 36.94
N ARG B 327 -19.52 11.80 35.64
CA ARG B 327 -18.51 12.46 34.79
C ARG B 327 -18.61 14.00 34.81
N LYS B 328 -17.55 14.64 35.30
CA LYS B 328 -17.49 16.09 35.46
C LYS B 328 -17.40 16.81 34.11
N VAL B 329 -18.48 17.50 33.72
CA VAL B 329 -18.51 18.32 32.50
C VAL B 329 -18.32 19.80 32.87
N GLY B 330 -17.36 20.45 32.21
CA GLY B 330 -17.09 21.84 32.51
C GLY B 330 -16.00 22.45 31.67
N ASN B 331 -15.52 23.61 32.11
CA ASN B 331 -14.45 24.35 31.45
C ASN B 331 -13.15 23.52 31.48
N PRO B 332 -12.53 23.27 30.32
CA PRO B 332 -11.37 22.36 30.23
C PRO B 332 -10.08 22.88 30.88
N PHE B 333 -9.91 24.20 30.94
CA PHE B 333 -8.79 24.79 31.68
C PHE B 333 -8.81 24.54 33.19
N GLU B 334 -9.99 24.37 33.79
CA GLU B 334 -10.05 24.07 35.23
C GLU B 334 -9.73 22.57 35.40
N LEU B 335 -8.61 22.31 36.06
CA LEU B 335 -8.09 20.95 36.26
C LEU B 335 -9.04 20.18 37.16
N ASP B 336 -9.32 18.93 36.77
CA ASP B 336 -10.39 18.04 37.30
C ASP B 336 -11.59 17.91 36.34
N THR B 337 -11.70 18.79 35.33
CA THR B 337 -12.67 18.61 34.25
C THR B 337 -12.31 17.41 33.41
N GLN B 338 -13.27 16.51 33.25
CA GLN B 338 -13.11 15.28 32.48
C GLN B 338 -13.64 15.40 31.03
N GLN B 339 -14.68 16.20 30.84
CA GLN B 339 -15.31 16.37 29.53
C GLN B 339 -15.42 17.84 29.15
N GLY B 340 -14.72 18.21 28.09
CA GLY B 340 -14.83 19.53 27.48
C GLY B 340 -15.98 19.60 26.49
N PRO B 341 -15.98 20.63 25.63
CA PRO B 341 -16.96 20.76 24.56
C PRO B 341 -16.57 20.02 23.27
N GLN B 342 -17.58 19.70 22.47
CA GLN B 342 -17.34 19.24 21.10
C GLN B 342 -16.64 20.38 20.36
N VAL B 343 -15.92 20.05 19.29
CA VAL B 343 -14.90 20.96 18.73
C VAL B 343 -15.43 22.21 17.98
N ASP B 344 -16.66 22.12 17.48
CA ASP B 344 -17.29 23.22 16.74
C ASP B 344 -18.83 23.10 16.69
N LYS B 345 -19.48 24.01 15.99
CA LYS B 345 -20.93 24.04 15.90
C LYS B 345 -21.52 22.83 15.19
N GLU B 346 -20.95 22.46 14.03
CA GLU B 346 -21.44 21.32 13.24
C GLU B 346 -21.48 20.03 14.03
N GLN B 347 -20.36 19.73 14.68
CA GLN B 347 -20.17 18.47 15.42
C GLN B 347 -21.14 18.35 16.59
N PHE B 348 -21.31 19.46 17.30
CA PHE B 348 -22.32 19.67 18.34
C PHE B 348 -23.73 19.32 17.87
N GLU B 349 -24.14 19.93 16.76
CA GLU B 349 -25.49 19.69 16.20
C GLU B 349 -25.60 18.27 15.63
N ARG B 350 -24.52 17.80 15.02
CA ARG B 350 -24.43 16.47 14.44
C ARG B 350 -24.65 15.35 15.47
N VAL B 351 -23.97 15.47 16.63
CA VAL B 351 -24.14 14.52 17.75
C VAL B 351 -25.55 14.59 18.35
N LEU B 352 -26.03 15.80 18.62
CA LEU B 352 -27.39 16.02 19.12
C LEU B 352 -28.46 15.38 18.23
N GLY B 353 -28.24 15.43 16.90
CA GLY B 353 -29.06 14.73 15.92
C GLY B 353 -29.06 13.23 16.10
N TYR B 354 -27.87 12.67 16.35
CA TYR B 354 -27.74 11.23 16.66
C TYR B 354 -28.45 10.81 17.95
N ILE B 355 -28.48 11.70 18.94
CA ILE B 355 -29.20 11.44 20.19
C ILE B 355 -30.70 11.35 19.90
N GLN B 356 -31.23 12.34 19.19
CA GLN B 356 -32.63 12.33 18.78
C GLN B 356 -32.99 11.06 18.03
N LEU B 357 -32.11 10.68 17.10
CA LEU B 357 -32.31 9.53 16.20
C LEU B 357 -32.44 8.19 16.91
N GLY B 358 -31.59 7.99 17.92
CA GLY B 358 -31.64 6.82 18.80
C GLY B 358 -32.99 6.69 19.48
N GLN B 359 -33.50 7.81 20.02
CA GLN B 359 -34.82 7.82 20.66
C GLN B 359 -35.90 7.40 19.65
N LYS B 360 -35.90 8.06 18.49
CA LYS B 360 -36.87 7.79 17.41
C LYS B 360 -36.93 6.32 16.94
N GLU B 361 -35.80 5.61 17.02
CA GLU B 361 -35.71 4.19 16.59
C GLU B 361 -36.16 3.14 17.62
N GLY B 362 -36.24 3.50 18.90
CA GLY B 362 -36.70 2.57 19.96
C GLY B 362 -35.75 2.34 21.14
N ALA B 363 -34.58 2.98 21.13
CA ALA B 363 -33.59 2.83 22.21
C ALA B 363 -33.97 3.69 23.42
N LYS B 364 -33.68 3.18 24.62
CA LYS B 364 -34.04 3.88 25.86
C LYS B 364 -32.92 4.84 26.20
N LEU B 365 -33.23 6.11 26.33
CA LEU B 365 -32.28 7.11 26.81
C LEU B 365 -32.17 6.98 28.32
N LEU B 366 -31.02 6.54 28.83
CA LEU B 366 -30.88 6.27 30.26
C LEU B 366 -30.42 7.51 31.06
N CYS B 367 -29.68 8.41 30.42
CA CYS B 367 -29.20 9.61 31.08
C CYS B 367 -28.68 10.63 30.09
N GLY B 368 -28.49 11.86 30.55
CA GLY B 368 -28.12 12.97 29.70
C GLY B 368 -29.06 13.10 28.51
N GLY B 369 -28.49 13.34 27.33
CA GLY B 369 -29.25 13.38 26.08
C GLY B 369 -29.66 14.77 25.63
N GLU B 370 -28.91 15.79 26.06
CA GLU B 370 -29.19 17.18 25.71
C GLU B 370 -27.97 18.05 25.93
N ARG B 371 -28.07 19.31 25.55
CA ARG B 371 -27.01 20.27 25.76
C ARG B 371 -26.72 20.49 27.25
N PHE B 372 -25.44 20.51 27.62
CA PHE B 372 -25.05 20.95 28.95
C PHE B 372 -24.85 22.46 28.90
N GLY B 373 -25.62 23.18 29.72
CA GLY B 373 -25.43 24.61 29.91
C GLY B 373 -25.97 25.48 28.79
N GLU B 374 -25.38 26.66 28.68
CA GLU B 374 -25.84 27.72 27.77
C GLU B 374 -24.77 28.13 26.74
N ARG B 375 -23.53 28.33 27.20
CA ARG B 375 -22.42 28.76 26.33
C ARG B 375 -21.65 27.55 25.80
N GLY B 376 -21.00 27.73 24.65
CA GLY B 376 -20.18 26.68 24.04
C GLY B 376 -20.94 25.45 23.57
N PHE B 377 -20.17 24.41 23.23
CA PHE B 377 -20.69 23.20 22.57
C PHE B 377 -20.61 21.94 23.45
N PHE B 378 -20.99 22.10 24.72
CA PHE B 378 -20.98 21.01 25.69
C PHE B 378 -22.23 20.16 25.54
N ILE B 379 -22.10 18.86 25.81
CA ILE B 379 -23.21 17.91 25.79
C ILE B 379 -23.12 17.03 27.05
N LYS B 380 -24.28 16.72 27.63
CA LYS B 380 -24.34 15.85 28.81
C LYS B 380 -24.03 14.41 28.40
N PRO B 381 -23.09 13.73 29.11
CA PRO B 381 -22.80 12.33 28.84
C PRO B 381 -24.05 11.50 28.71
N THR B 382 -24.20 10.87 27.55
CA THR B 382 -25.41 10.15 27.21
C THR B 382 -25.14 8.65 27.10
N VAL B 383 -26.07 7.85 27.58
CA VAL B 383 -25.99 6.40 27.48
C VAL B 383 -27.35 5.88 26.98
N PHE B 384 -27.30 4.89 26.08
CA PHE B 384 -28.50 4.25 25.57
C PHE B 384 -28.48 2.80 25.98
N GLY B 385 -29.66 2.22 26.07
CA GLY B 385 -29.83 0.79 26.39
C GLY B 385 -30.84 0.15 25.46
N GLY B 386 -30.93 -1.17 25.53
CA GLY B 386 -31.78 -1.96 24.63
C GLY B 386 -31.46 -1.78 23.15
N VAL B 387 -30.21 -1.42 22.83
CA VAL B 387 -29.84 -1.06 21.46
C VAL B 387 -29.69 -2.31 20.61
N GLN B 388 -30.11 -2.22 19.35
CA GLN B 388 -30.12 -3.34 18.41
C GLN B 388 -29.16 -3.04 17.24
N ASP B 389 -28.73 -4.10 16.55
CA ASP B 389 -27.72 -3.97 15.46
C ASP B 389 -28.23 -3.19 14.25
N ASP B 390 -29.51 -3.39 13.91
CA ASP B 390 -30.17 -2.66 12.79
C ASP B 390 -30.27 -1.14 13.00
N MET B 391 -30.27 -0.68 14.24
CA MET B 391 -30.43 0.75 14.54
C MET B 391 -29.28 1.60 13.98
N ARG B 392 -29.62 2.80 13.54
CA ARG B 392 -28.64 3.71 12.93
C ARG B 392 -27.54 4.16 13.89
N ILE B 393 -27.87 4.35 15.17
CA ILE B 393 -26.82 4.68 16.16
C ILE B 393 -25.81 3.53 16.35
N ALA B 394 -26.27 2.30 16.14
CA ALA B 394 -25.43 1.10 16.17
C ALA B 394 -24.52 0.92 14.95
N LYS B 395 -24.88 1.53 13.82
CA LYS B 395 -24.12 1.40 12.56
C LYS B 395 -23.21 2.58 12.21
N GLU B 396 -23.57 3.79 12.65
CA GLU B 396 -22.89 5.01 12.21
C GLU B 396 -21.97 5.62 13.27
N GLU B 397 -20.80 6.09 12.84
CA GLU B 397 -19.85 6.72 13.74
C GLU B 397 -20.40 8.03 14.29
N ILE B 398 -20.90 7.98 15.53
CA ILE B 398 -21.48 9.14 16.20
C ILE B 398 -20.43 10.24 16.49
N PHE B 399 -19.25 9.83 16.98
CA PHE B 399 -18.13 10.74 17.28
C PHE B 399 -18.45 11.81 18.34
N GLY B 400 -19.05 11.34 19.45
CA GLY B 400 -19.44 12.20 20.59
C GLY B 400 -19.75 11.39 21.84
N PRO B 401 -20.17 12.05 22.94
CA PRO B 401 -20.35 11.37 24.22
C PRO B 401 -21.67 10.62 24.30
N VAL B 402 -21.79 9.57 23.48
CA VAL B 402 -22.99 8.74 23.44
C VAL B 402 -22.58 7.26 23.49
N GLN B 403 -22.99 6.55 24.54
CA GLN B 403 -22.61 5.15 24.77
C GLN B 403 -23.80 4.21 24.58
N PRO B 404 -23.85 3.47 23.45
CA PRO B 404 -24.91 2.49 23.26
C PRO B 404 -24.54 1.11 23.81
N LEU B 405 -25.47 0.49 24.54
CA LEU B 405 -25.23 -0.77 25.25
C LEU B 405 -25.98 -1.89 24.57
N PHE B 406 -25.32 -3.03 24.40
CA PHE B 406 -25.86 -4.18 23.68
C PHE B 406 -25.83 -5.41 24.58
N LYS B 407 -26.79 -6.31 24.38
CA LYS B 407 -26.85 -7.57 25.12
C LYS B 407 -26.41 -8.69 24.19
N PHE B 408 -25.75 -9.71 24.73
CA PHE B 408 -25.52 -10.95 23.99
C PHE B 408 -25.49 -12.20 24.87
N LYS B 409 -25.74 -13.35 24.25
CA LYS B 409 -25.78 -14.66 24.92
C LYS B 409 -24.47 -15.42 24.66
N LYS B 410 -24.21 -15.78 23.40
CA LYS B 410 -23.12 -16.70 23.02
C LYS B 410 -21.82 -16.00 22.59
N ILE B 411 -20.71 -16.73 22.66
CA ILE B 411 -19.40 -16.25 22.19
C ILE B 411 -19.40 -16.13 20.65
N GLU B 412 -19.90 -17.16 19.97
CA GLU B 412 -19.98 -17.19 18.49
C GLU B 412 -20.91 -16.09 17.97
N GLU B 413 -21.91 -15.72 18.77
CA GLU B 413 -22.86 -14.67 18.45
C GLU B 413 -22.22 -13.29 18.45
N VAL B 414 -21.54 -12.95 19.54
CA VAL B 414 -20.98 -11.61 19.70
C VAL B 414 -19.83 -11.33 18.73
N VAL B 415 -19.07 -12.34 18.32
CA VAL B 415 -18.01 -12.13 17.31
C VAL B 415 -18.62 -11.79 15.94
N GLU B 416 -19.70 -12.47 15.57
CA GLU B 416 -20.38 -12.19 14.32
C GLU B 416 -20.89 -10.76 14.34
N ARG B 417 -21.58 -10.39 15.41
CA ARG B 417 -22.13 -9.04 15.57
C ARG B 417 -21.09 -7.92 15.71
N ALA B 418 -19.94 -8.22 16.30
CA ALA B 418 -18.84 -7.24 16.46
C ALA B 418 -18.21 -6.90 15.11
N ASN B 419 -18.00 -7.94 14.31
CA ASN B 419 -17.38 -7.82 13.00
C ASN B 419 -18.31 -7.31 11.91
N ASN B 420 -19.62 -7.51 12.08
CA ASN B 420 -20.62 -7.16 11.05
C ASN B 420 -20.71 -5.64 10.88
N THR B 421 -19.72 -5.11 10.18
CA THR B 421 -19.60 -3.67 9.93
C THR B 421 -18.50 -3.46 8.90
N ARG B 422 -18.58 -2.34 8.20
CA ARG B 422 -17.51 -1.93 7.27
C ARG B 422 -16.23 -1.52 8.02
N TYR B 423 -16.38 -1.13 9.29
CA TYR B 423 -15.24 -0.73 10.12
C TYR B 423 -14.45 -1.90 10.71
N GLY B 424 -13.22 -1.60 11.10
CA GLY B 424 -12.31 -2.60 11.65
C GLY B 424 -11.04 -2.01 12.22
N LEU B 425 -11.17 -0.87 12.89
CA LEU B 425 -10.01 -0.16 13.44
C LEU B 425 -9.48 -0.81 14.71
N ALA B 426 -10.42 -1.11 15.62
CA ALA B 426 -10.09 -1.60 16.96
C ALA B 426 -11.20 -2.47 17.55
N ALA B 427 -10.87 -3.13 18.66
CA ALA B 427 -11.82 -3.94 19.46
C ALA B 427 -11.20 -4.29 20.82
N ALA B 428 -11.99 -4.91 21.71
CA ALA B 428 -11.51 -5.25 23.07
C ALA B 428 -12.27 -6.42 23.70
N VAL B 429 -11.59 -7.15 24.58
CA VAL B 429 -12.23 -8.18 25.43
C VAL B 429 -11.90 -7.93 26.89
N PHE B 430 -12.93 -8.06 27.71
CA PHE B 430 -12.77 -8.09 29.15
C PHE B 430 -13.13 -9.50 29.61
N THR B 431 -12.12 -10.19 30.13
CA THR B 431 -12.27 -11.57 30.60
C THR B 431 -11.05 -11.98 31.43
N ARG B 432 -11.30 -12.87 32.36
CA ARG B 432 -10.29 -13.46 33.23
C ARG B 432 -9.73 -14.75 32.58
N ASP B 433 -10.45 -15.31 31.59
CA ASP B 433 -10.12 -16.62 30.98
C ASP B 433 -9.05 -16.54 29.87
N LEU B 434 -8.04 -17.41 29.96
CA LEU B 434 -6.94 -17.47 28.99
C LEU B 434 -7.47 -17.86 27.63
N ASP B 435 -8.14 -19.00 27.56
CA ASP B 435 -8.66 -19.56 26.31
C ASP B 435 -9.56 -18.60 25.54
N LYS B 436 -10.45 -17.92 26.27
CA LYS B 436 -11.36 -16.97 25.64
C LYS B 436 -10.60 -15.74 25.18
N ALA B 437 -9.66 -15.24 25.97
CA ALA B 437 -8.79 -14.15 25.50
C ALA B 437 -8.07 -14.51 24.20
N MET B 438 -7.47 -15.70 24.14
CA MET B 438 -6.74 -16.15 22.94
C MET B 438 -7.64 -16.39 21.70
N TYR B 439 -8.92 -16.71 21.91
CA TYR B 439 -9.87 -16.90 20.80
C TYR B 439 -10.24 -15.56 20.17
N PHE B 440 -10.59 -14.60 21.01
CA PHE B 440 -10.98 -13.25 20.56
C PHE B 440 -9.86 -12.48 19.81
N THR B 441 -8.60 -12.70 20.20
CA THR B 441 -7.48 -12.08 19.50
C THR B 441 -7.34 -12.62 18.07
N GLN B 442 -7.71 -13.88 17.84
CA GLN B 442 -7.82 -14.41 16.48
C GLN B 442 -9.08 -13.98 15.76
N ALA B 443 -10.21 -14.03 16.44
CA ALA B 443 -11.52 -13.95 15.81
C ALA B 443 -11.94 -12.53 15.41
N LEU B 444 -11.58 -11.53 16.21
CA LEU B 444 -12.08 -10.17 15.98
C LEU B 444 -11.35 -9.49 14.84
N GLN B 445 -12.10 -9.04 13.84
CA GLN B 445 -11.56 -8.37 12.66
C GLN B 445 -11.23 -6.90 12.94
N ALA B 446 -10.12 -6.68 13.64
CA ALA B 446 -9.69 -5.33 13.93
C ALA B 446 -8.17 -5.23 13.95
N GLY B 447 -7.68 -4.03 13.68
CA GLY B 447 -6.26 -3.80 13.56
C GLY B 447 -5.53 -3.74 14.88
N THR B 448 -6.23 -3.32 15.93
CA THR B 448 -5.73 -3.37 17.29
C THR B 448 -6.80 -4.05 18.16
N VAL B 449 -6.43 -5.16 18.82
CA VAL B 449 -7.30 -5.80 19.82
C VAL B 449 -6.70 -5.61 21.21
N TRP B 450 -7.47 -5.03 22.14
CA TRP B 450 -7.08 -4.92 23.57
C TRP B 450 -7.67 -6.04 24.41
N VAL B 451 -6.92 -6.50 25.41
CA VAL B 451 -7.43 -7.47 26.40
C VAL B 451 -7.34 -6.81 27.78
N ASN B 452 -8.50 -6.58 28.38
CA ASN B 452 -8.63 -5.96 29.71
C ASN B 452 -7.96 -4.58 29.80
N THR B 453 -8.17 -3.76 28.77
CA THR B 453 -7.74 -2.35 28.75
C THR B 453 -8.36 -1.71 27.49
N TYR B 454 -8.11 -0.44 27.24
CA TYR B 454 -8.65 0.23 26.05
C TYR B 454 -7.88 1.51 25.74
N ASN B 455 -7.83 1.92 24.46
CA ASN B 455 -7.13 3.14 24.03
C ASN B 455 -5.63 3.17 24.39
N ILE B 456 -5.02 1.99 24.50
CA ILE B 456 -3.58 1.91 24.70
C ILE B 456 -2.92 1.82 23.33
N VAL B 457 -2.39 2.97 22.93
CA VAL B 457 -1.66 3.14 21.69
C VAL B 457 -0.47 4.03 22.02
N THR B 458 0.73 3.57 21.69
CA THR B 458 1.94 4.37 21.88
C THR B 458 2.76 4.33 20.61
N CYS B 459 3.88 5.06 20.60
CA CYS B 459 4.80 5.09 19.46
C CYS B 459 5.35 3.72 19.00
N HIS B 460 5.28 2.69 19.86
CA HIS B 460 5.76 1.33 19.55
C HIS B 460 4.71 0.44 18.88
N THR B 461 3.43 0.75 19.12
CA THR B 461 2.32 -0.10 18.69
C THR B 461 1.79 0.25 17.30
N PRO B 462 1.94 -0.67 16.33
CA PRO B 462 1.29 -0.44 15.04
C PRO B 462 -0.22 -0.20 15.19
N PHE B 463 -0.75 0.67 14.34
CA PHE B 463 -2.13 1.13 14.46
C PHE B 463 -2.70 1.43 13.08
N GLY B 464 -3.76 0.73 12.73
CA GLY B 464 -4.55 1.01 11.53
C GLY B 464 -5.68 0.03 11.41
N GLY B 465 -6.53 0.21 10.42
CA GLY B 465 -7.74 -0.59 10.28
C GLY B 465 -7.73 -1.76 9.31
N PHE B 466 -8.56 -2.75 9.62
CA PHE B 466 -9.04 -3.72 8.65
C PHE B 466 -10.15 -3.03 7.84
N LYS B 467 -10.42 -3.57 6.64
CA LYS B 467 -11.58 -3.18 5.83
C LYS B 467 -11.63 -1.66 5.64
N GLU B 468 -12.79 -1.01 5.75
CA GLU B 468 -12.93 0.41 5.42
C GLU B 468 -12.41 1.37 6.50
N SER B 469 -11.85 0.84 7.59
CA SER B 469 -11.15 1.67 8.60
C SER B 469 -9.75 2.13 8.17
N GLY B 470 -9.14 1.46 7.18
CA GLY B 470 -7.87 1.95 6.65
C GLY B 470 -7.13 1.06 5.66
N ASN B 471 -6.00 1.58 5.18
CA ASN B 471 -5.01 0.85 4.36
C ASN B 471 -3.65 1.17 4.97
N GLY B 472 -2.91 0.15 5.36
CA GLY B 472 -1.57 0.31 5.91
C GLY B 472 -1.61 0.57 7.41
N ARG B 473 -0.45 0.84 8.00
CA ARG B 473 -0.33 1.02 9.45
C ARG B 473 0.57 2.19 9.78
N GLU B 474 0.30 2.83 10.92
CA GLU B 474 1.13 3.90 11.45
C GLU B 474 1.72 3.46 12.78
N LEU B 475 2.83 4.10 13.15
CA LEU B 475 3.57 3.85 14.41
C LEU B 475 4.30 2.51 14.42
N GLY B 476 5.21 2.35 15.39
CA GLY B 476 6.09 1.19 15.45
C GLY B 476 7.05 1.09 14.27
N GLU B 477 7.79 -0.02 14.21
CA GLU B 477 8.61 -0.34 13.05
C GLU B 477 7.78 -0.49 11.79
N ASP B 478 6.59 -1.08 11.92
CA ASP B 478 5.71 -1.27 10.78
C ASP B 478 5.29 0.05 10.09
N GLY B 479 5.16 1.13 10.86
CA GLY B 479 4.86 2.44 10.30
C GLY B 479 5.92 3.12 9.42
N LEU B 480 7.14 2.60 9.40
CA LEU B 480 8.19 3.10 8.52
C LEU B 480 8.02 2.67 7.06
N LYS B 481 7.39 1.50 6.85
CA LYS B 481 7.26 0.87 5.52
C LYS B 481 6.54 1.76 4.49
N ALA B 482 5.53 2.49 4.97
CA ALA B 482 4.80 3.47 4.17
C ALA B 482 5.69 4.58 3.60
N TYR B 483 6.71 4.99 4.37
CA TYR B 483 7.61 6.06 3.96
C TYR B 483 8.93 5.53 3.40
N THR B 484 8.88 4.30 2.85
CA THR B 484 10.03 3.61 2.30
C THR B 484 9.70 3.14 0.88
N GLU B 485 10.62 3.40 -0.04
CA GLU B 485 10.57 2.85 -1.39
C GLU B 485 11.79 1.93 -1.49
N VAL B 486 11.54 0.67 -1.80
CA VAL B 486 12.60 -0.34 -1.85
C VAL B 486 13.25 -0.42 -3.23
N LYS B 487 14.56 -0.19 -3.26
CA LYS B 487 15.34 -0.45 -4.47
C LYS B 487 16.06 -1.77 -4.32
N THR B 488 15.92 -2.65 -5.30
CA THR B 488 16.70 -3.89 -5.38
C THR B 488 17.93 -3.66 -6.27
N VAL B 489 19.14 -3.94 -5.77
CA VAL B 489 20.38 -3.73 -6.53
C VAL B 489 21.07 -5.08 -6.72
N THR B 490 21.22 -5.49 -7.98
CA THR B 490 21.65 -6.83 -8.36
C THR B 490 22.88 -6.72 -9.28
N ILE B 491 24.05 -7.07 -8.75
CA ILE B 491 25.32 -6.82 -9.42
C ILE B 491 25.97 -8.13 -9.84
N LYS B 492 26.41 -8.21 -11.08
CA LYS B 492 27.20 -9.36 -11.59
C LYS B 492 28.57 -9.37 -10.92
N VAL B 493 29.02 -10.55 -10.51
CA VAL B 493 30.33 -10.68 -9.84
C VAL B 493 31.16 -11.80 -10.49
N PRO B 494 32.50 -11.79 -10.27
CA PRO B 494 33.35 -12.78 -10.94
C PRO B 494 33.02 -14.21 -10.52
N GLN B 495 33.27 -14.54 -9.26
CA GLN B 495 32.77 -15.78 -8.70
C GLN B 495 32.15 -15.48 -7.35
N LYS B 496 31.18 -16.32 -7.02
CA LYS B 496 30.31 -16.15 -5.88
C LYS B 496 30.65 -17.27 -4.92
N ASN B 497 30.86 -16.91 -3.65
CA ASN B 497 31.07 -17.86 -2.57
C ASN B 497 30.13 -17.52 -1.42
N SER B 498 29.67 -18.56 -0.73
CA SER B 498 28.85 -18.40 0.45
C SER B 498 29.60 -17.60 1.54
#